data_1E6W
#
_entry.id   1E6W
#
_cell.length_a   57.603
_cell.length_b   67.426
_cell.length_c   67.500
_cell.angle_alpha   65.22
_cell.angle_beta   73.27
_cell.angle_gamma   75.67
#
_symmetry.space_group_name_H-M   'P 1'
#
loop_
_entity.id
_entity.type
_entity.pdbx_description
1 polymer 'SHORT CHAIN 3-HYDROXYACYL-COA DEHYDROGENASE'
2 non-polymer NICOTINAMIDE-ADENINE-DINUCLEOTIDE
3 non-polymer ESTRADIOL
4 water water
#
_entity_poly.entity_id   1
_entity_poly.type   'polypeptide(L)'
_entity_poly.pdbx_seq_one_letter_code
;AAAVRSVKGLVAVITGGASGLGLSTAKRLVGQGATAVLLDVPNSEGETEAKKLGGNCIFAPANVTSEKEVQAALTLAKEK
FGRIDVAVNCAGIAVAIKTYHEKKNQVHTLEDFQRVINVNLIGTFNVIRLVAGVMGQNEPDQGGQRGVIINTASVAAFEG
QVGQAAYSASKGGIVGMTLPIARDLAPIGIRVVTIAPGLFATPLLTTLPDKVRNFLASQVPFPSRLGDPAEYAHLVQMVI
ENPFLNGEVIRLDGAIRMQP
;
_entity_poly.pdbx_strand_id   A,B,C,D
#
# COMPACT_ATOMS: atom_id res chain seq x y z
N SER A 6 -27.82 -1.98 13.58
CA SER A 6 -28.02 -2.55 14.96
C SER A 6 -27.16 -3.82 15.16
N VAL A 7 -26.74 -3.97 16.43
CA VAL A 7 -26.05 -5.15 16.96
C VAL A 7 -26.85 -5.81 18.09
N LYS A 8 -28.11 -5.41 18.13
CA LYS A 8 -28.97 -5.90 19.23
C LYS A 8 -29.14 -7.41 19.14
N GLY A 9 -28.89 -8.20 20.17
CA GLY A 9 -29.02 -9.68 20.05
C GLY A 9 -27.80 -10.44 19.58
N LEU A 10 -26.83 -9.75 18.89
CA LEU A 10 -25.69 -10.59 18.44
C LEU A 10 -24.79 -11.00 19.61
N VAL A 11 -24.13 -12.11 19.40
CA VAL A 11 -23.22 -12.64 20.50
C VAL A 11 -21.75 -12.39 20.04
N ALA A 12 -21.01 -11.57 20.80
CA ALA A 12 -19.63 -11.35 20.35
C ALA A 12 -18.60 -11.92 21.34
N VAL A 13 -17.54 -12.51 20.88
CA VAL A 13 -16.43 -12.97 21.80
C VAL A 13 -15.29 -11.98 21.53
N ILE A 14 -14.80 -11.31 22.56
CA ILE A 14 -13.79 -10.30 22.36
C ILE A 14 -12.52 -10.81 23.10
N THR A 15 -11.51 -11.06 22.32
CA THR A 15 -10.21 -11.47 23.01
C THR A 15 -9.57 -10.17 23.46
N GLY A 16 -8.78 -10.32 24.61
CA GLY A 16 -8.31 -9.05 25.17
C GLY A 16 -9.32 -8.15 25.77
N GLY A 17 -10.47 -8.77 26.14
CA GLY A 17 -11.61 -8.04 26.61
C GLY A 17 -11.59 -7.48 28.03
N ALA A 18 -10.56 -7.86 28.82
CA ALA A 18 -10.45 -7.22 30.14
C ALA A 18 -9.92 -5.82 30.26
N SER A 19 -9.35 -5.22 29.16
CA SER A 19 -8.76 -3.87 29.29
C SER A 19 -8.76 -3.16 27.92
N GLY A 20 -8.47 -1.88 27.94
CA GLY A 20 -8.16 -1.10 26.69
C GLY A 20 -9.22 -1.27 25.60
N LEU A 21 -8.68 -1.50 24.39
CA LEU A 21 -9.64 -1.55 23.22
C LEU A 21 -10.67 -2.63 23.28
N GLY A 22 -10.33 -3.87 23.70
CA GLY A 22 -11.33 -4.93 23.82
C GLY A 22 -12.39 -4.57 24.88
N LEU A 23 -12.04 -4.09 26.06
CA LEU A 23 -13.04 -3.66 27.06
C LEU A 23 -13.96 -2.51 26.70
N SER A 24 -13.40 -1.52 25.92
CA SER A 24 -14.27 -0.42 25.42
C SER A 24 -15.18 -0.95 24.30
N THR A 25 -14.72 -2.01 23.53
CA THR A 25 -15.61 -2.59 22.56
C THR A 25 -16.80 -3.35 23.21
N ALA A 26 -16.47 -4.08 24.25
CA ALA A 26 -17.52 -4.80 24.98
C ALA A 26 -18.53 -3.86 25.64
N LYS A 27 -17.98 -2.73 26.17
CA LYS A 27 -18.97 -1.81 26.80
C LYS A 27 -19.88 -1.29 25.70
N ARG A 28 -19.34 -0.84 24.55
CA ARG A 28 -20.24 -0.28 23.54
C ARG A 28 -21.20 -1.36 23.05
N LEU A 29 -20.72 -2.53 22.67
CA LEU A 29 -21.65 -3.54 22.15
C LEU A 29 -22.72 -3.95 23.18
N VAL A 30 -22.32 -4.14 24.44
CA VAL A 30 -23.35 -4.43 25.46
C VAL A 30 -24.32 -3.29 25.61
N GLY A 31 -23.95 -2.00 25.68
CA GLY A 31 -24.79 -0.82 25.78
C GLY A 31 -25.65 -0.68 24.53
N GLN A 32 -25.36 -1.32 23.40
CA GLN A 32 -26.24 -1.35 22.21
C GLN A 32 -27.09 -2.63 22.02
N GLY A 33 -27.14 -3.45 23.09
CA GLY A 33 -28.00 -4.62 23.07
C GLY A 33 -27.38 -5.95 22.75
N ALA A 34 -26.04 -5.95 22.48
CA ALA A 34 -25.46 -7.31 22.19
C ALA A 34 -25.01 -7.97 23.50
N THR A 35 -24.60 -9.23 23.37
CA THR A 35 -24.05 -10.05 24.42
C THR A 35 -22.54 -10.12 24.17
N ALA A 36 -21.77 -10.20 25.25
CA ALA A 36 -20.31 -10.22 25.02
C ALA A 36 -19.64 -11.15 26.06
N VAL A 37 -18.73 -11.90 25.47
CA VAL A 37 -17.83 -12.76 26.24
C VAL A 37 -16.43 -12.22 26.19
N LEU A 38 -15.97 -11.83 27.38
CA LEU A 38 -14.55 -11.35 27.40
C LEU A 38 -13.60 -12.49 27.53
N LEU A 39 -12.68 -12.71 26.56
CA LEU A 39 -11.72 -13.77 26.59
C LEU A 39 -10.39 -13.12 26.92
N ASP A 40 -9.83 -13.42 28.16
CA ASP A 40 -8.59 -12.76 28.51
C ASP A 40 -7.96 -13.76 29.58
N VAL A 41 -6.70 -13.56 29.82
CA VAL A 41 -5.99 -14.46 30.82
C VAL A 41 -6.63 -14.35 32.19
N PRO A 42 -6.44 -15.42 33.03
CA PRO A 42 -7.07 -15.38 34.37
C PRO A 42 -6.47 -14.29 35.23
N ASN A 43 -5.22 -13.79 35.08
CA ASN A 43 -4.82 -12.83 36.10
C ASN A 43 -5.58 -11.52 36.04
N SER A 44 -6.18 -11.19 34.93
CA SER A 44 -6.60 -9.90 34.50
C SER A 44 -7.76 -9.45 35.36
N GLU A 45 -8.39 -8.32 35.02
CA GLU A 45 -9.56 -7.78 35.65
C GLU A 45 -10.78 -8.32 34.91
N GLY A 46 -10.59 -9.43 34.15
CA GLY A 46 -11.74 -9.87 33.36
C GLY A 46 -13.07 -10.09 34.20
N GLU A 47 -12.92 -10.99 35.22
CA GLU A 47 -14.12 -11.23 36.05
C GLU A 47 -14.82 -10.01 36.55
N THR A 48 -14.15 -8.98 37.06
CA THR A 48 -14.73 -7.79 37.56
C THR A 48 -15.48 -6.99 36.46
N GLU A 49 -14.72 -6.89 35.35
CA GLU A 49 -15.28 -6.13 34.26
C GLU A 49 -16.59 -6.73 33.74
N ALA A 50 -16.60 -8.00 33.63
CA ALA A 50 -17.83 -8.68 33.10
C ALA A 50 -18.93 -8.55 34.16
N LYS A 51 -18.53 -8.50 35.44
CA LYS A 51 -19.55 -8.13 36.49
C LYS A 51 -20.10 -6.75 36.40
N LYS A 52 -19.28 -5.66 36.26
CA LYS A 52 -19.67 -4.29 36.12
C LYS A 52 -20.46 -4.09 34.81
N LEU A 53 -20.22 -4.96 33.82
CA LEU A 53 -20.94 -4.83 32.56
C LEU A 53 -22.31 -5.46 32.52
N GLY A 54 -22.60 -6.31 33.52
CA GLY A 54 -23.97 -6.76 33.68
C GLY A 54 -24.09 -8.16 33.30
N GLY A 55 -25.36 -8.63 33.27
CA GLY A 55 -25.69 -10.01 32.95
C GLY A 55 -25.56 -10.34 31.42
N ASN A 56 -25.50 -9.34 30.59
CA ASN A 56 -25.23 -9.80 29.16
C ASN A 56 -23.74 -9.79 28.87
N CYS A 57 -22.84 -9.79 29.86
CA CYS A 57 -21.43 -9.97 29.55
C CYS A 57 -20.81 -11.00 30.51
N ILE A 58 -20.16 -12.00 30.03
CA ILE A 58 -19.42 -12.89 30.92
C ILE A 58 -17.91 -12.97 30.60
N PHE A 59 -17.18 -13.56 31.57
CA PHE A 59 -15.75 -13.69 31.44
C PHE A 59 -15.37 -15.14 31.17
N ALA A 60 -14.55 -15.41 30.12
CA ALA A 60 -14.11 -16.74 29.84
C ALA A 60 -12.62 -16.81 29.88
N PRO A 61 -11.97 -17.08 30.97
CA PRO A 61 -10.53 -17.19 31.03
C PRO A 61 -9.90 -18.08 29.98
N ALA A 62 -8.96 -17.54 29.14
CA ALA A 62 -8.26 -18.31 28.17
C ALA A 62 -7.02 -17.54 27.67
N ASN A 63 -5.92 -18.29 27.49
CA ASN A 63 -4.79 -17.63 26.81
C ASN A 63 -4.92 -17.98 25.37
N VAL A 64 -4.88 -16.98 24.40
CA VAL A 64 -5.12 -17.25 22.97
C VAL A 64 -4.07 -18.09 22.30
N THR A 65 -2.93 -18.46 22.97
CA THR A 65 -1.96 -19.30 22.31
C THR A 65 -2.35 -20.79 22.59
N SER A 66 -3.41 -20.94 23.44
CA SER A 66 -3.82 -22.33 23.84
C SER A 66 -5.02 -22.84 23.02
N GLU A 67 -4.85 -23.78 22.20
CA GLU A 67 -5.97 -24.42 21.47
C GLU A 67 -6.99 -24.90 22.53
N LYS A 68 -6.51 -25.57 23.59
CA LYS A 68 -7.55 -26.15 24.49
C LYS A 68 -8.34 -25.08 25.20
N GLU A 69 -7.70 -23.98 25.64
CA GLU A 69 -8.38 -22.96 26.40
C GLU A 69 -9.33 -22.12 25.47
N VAL A 70 -8.77 -22.03 24.24
CA VAL A 70 -9.59 -21.17 23.34
C VAL A 70 -10.86 -21.93 23.06
N GLN A 71 -10.65 -23.18 22.68
CA GLN A 71 -11.83 -24.02 22.39
C GLN A 71 -12.83 -24.11 23.57
N ALA A 72 -12.37 -24.18 24.81
CA ALA A 72 -13.24 -24.15 26.00
C ALA A 72 -14.02 -22.87 26.19
N ALA A 73 -13.39 -21.67 25.87
CA ALA A 73 -14.12 -20.44 25.95
C ALA A 73 -15.18 -20.34 24.85
N LEU A 74 -14.89 -20.80 23.66
CA LEU A 74 -15.88 -20.64 22.60
C LEU A 74 -17.06 -21.57 22.94
N THR A 75 -16.72 -22.80 23.43
CA THR A 75 -17.82 -23.69 23.86
C THR A 75 -18.64 -23.13 25.01
N LEU A 76 -18.14 -22.38 25.94
CA LEU A 76 -18.82 -21.73 27.03
C LEU A 76 -19.85 -20.74 26.39
N ALA A 77 -19.23 -20.04 25.39
CA ALA A 77 -20.09 -18.99 24.79
C ALA A 77 -21.25 -19.61 24.12
N LYS A 78 -21.01 -20.62 23.31
CA LYS A 78 -22.08 -21.31 22.52
C LYS A 78 -23.05 -21.99 23.47
N GLU A 79 -22.56 -22.46 24.62
CA GLU A 79 -23.45 -23.05 25.61
C GLU A 79 -24.33 -21.94 26.21
N LYS A 80 -23.73 -20.91 26.71
CA LYS A 80 -24.54 -19.92 27.42
C LYS A 80 -25.54 -19.24 26.49
N PHE A 81 -24.94 -18.76 25.37
CA PHE A 81 -25.77 -17.84 24.54
C PHE A 81 -26.33 -18.44 23.27
N GLY A 82 -25.99 -19.69 22.93
CA GLY A 82 -26.62 -20.36 21.83
C GLY A 82 -25.86 -20.35 20.50
N ARG A 83 -24.99 -19.34 20.35
CA ARG A 83 -24.29 -19.24 18.99
C ARG A 83 -23.24 -18.14 19.18
N ILE A 84 -22.38 -17.98 18.12
CA ILE A 84 -21.42 -16.82 18.19
C ILE A 84 -21.54 -16.21 16.78
N ASP A 85 -21.84 -14.94 16.82
CA ASP A 85 -21.98 -14.13 15.61
C ASP A 85 -20.75 -13.28 15.27
N VAL A 86 -20.02 -12.82 16.26
CA VAL A 86 -18.89 -11.88 15.95
C VAL A 86 -17.73 -12.36 16.83
N ALA A 87 -16.50 -12.22 16.27
CA ALA A 87 -15.31 -12.36 17.17
C ALA A 87 -14.41 -11.11 16.90
N VAL A 88 -13.87 -10.55 17.96
CA VAL A 88 -13.00 -9.34 17.81
C VAL A 88 -11.64 -9.72 18.48
N ASN A 89 -10.58 -9.71 17.70
CA ASN A 89 -9.30 -10.14 18.27
C ASN A 89 -8.56 -8.91 18.82
N CYS A 90 -8.47 -8.67 20.10
CA CYS A 90 -7.75 -7.50 20.67
C CYS A 90 -6.60 -7.98 21.61
N ALA A 91 -6.59 -9.34 21.93
CA ALA A 91 -5.44 -9.75 22.77
C ALA A 91 -4.11 -9.41 22.10
N GLY A 92 -3.18 -8.84 22.85
CA GLY A 92 -1.86 -8.59 22.17
C GLY A 92 -0.89 -8.08 23.24
N ILE A 93 0.39 -8.10 22.87
CA ILE A 93 1.47 -7.64 23.73
C ILE A 93 2.40 -6.73 22.85
N ALA A 94 3.29 -6.03 23.50
CA ALA A 94 4.22 -5.16 22.76
C ALA A 94 5.57 -5.10 23.47
N VAL A 95 6.65 -5.01 22.70
CA VAL A 95 7.98 -4.89 23.20
C VAL A 95 8.69 -3.70 22.45
N ALA A 96 9.78 -3.21 22.93
CA ALA A 96 10.51 -2.16 22.25
C ALA A 96 11.99 -2.53 22.44
N ILE A 97 12.48 -3.27 21.42
CA ILE A 97 13.82 -3.85 21.51
C ILE A 97 14.46 -3.74 20.12
N LYS A 98 15.62 -3.18 19.94
CA LYS A 98 16.21 -3.05 18.58
C LYS A 98 16.67 -4.43 18.10
N THR A 99 16.73 -4.62 16.74
CA THR A 99 17.37 -5.76 16.13
C THR A 99 18.82 -5.94 16.68
N TYR A 100 19.51 -4.85 16.71
CA TYR A 100 20.94 -4.81 17.22
C TYR A 100 21.14 -3.42 17.76
N HIS A 101 21.48 -3.29 19.10
CA HIS A 101 21.65 -2.06 19.79
C HIS A 101 23.18 -1.82 19.89
N GLU A 102 23.69 -0.96 18.99
CA GLU A 102 25.14 -0.67 19.08
C GLU A 102 25.73 -0.10 20.36
N LYS A 103 25.11 0.79 21.10
CA LYS A 103 25.64 1.29 22.37
C LYS A 103 25.87 0.06 23.28
N LYS A 104 24.84 -0.75 23.38
CA LYS A 104 24.87 -1.86 24.37
C LYS A 104 25.66 -3.01 23.80
N ASN A 105 25.85 -3.12 22.49
CA ASN A 105 26.33 -4.32 21.82
C ASN A 105 25.44 -5.54 22.02
N GLN A 106 24.08 -5.24 21.94
CA GLN A 106 23.16 -6.37 22.25
C GLN A 106 22.27 -6.71 21.04
N VAL A 107 22.12 -7.96 20.80
CA VAL A 107 21.31 -8.49 19.70
C VAL A 107 19.96 -8.88 20.31
N HIS A 108 18.86 -8.55 19.58
CA HIS A 108 17.52 -8.99 19.97
C HIS A 108 17.46 -10.54 20.16
N THR A 109 16.90 -10.92 21.34
CA THR A 109 16.83 -12.37 21.47
C THR A 109 15.85 -13.08 20.55
N LEU A 110 16.13 -14.37 20.23
CA LEU A 110 15.07 -15.02 19.36
C LEU A 110 13.80 -15.28 20.17
N GLU A 111 13.97 -15.63 21.49
CA GLU A 111 12.76 -15.86 22.31
C GLU A 111 11.87 -14.64 22.51
N ASP A 112 12.41 -13.41 22.55
CA ASP A 112 11.57 -12.22 22.64
C ASP A 112 10.84 -11.91 21.31
N PHE A 113 11.42 -12.28 20.17
CA PHE A 113 10.64 -12.25 18.92
C PHE A 113 9.54 -13.29 18.78
N GLN A 114 9.95 -14.51 19.14
CA GLN A 114 8.97 -15.65 19.15
C GLN A 114 7.79 -15.38 19.98
N ARG A 115 7.96 -14.86 21.22
CA ARG A 115 6.90 -14.58 22.12
C ARG A 115 5.80 -13.62 21.55
N VAL A 116 6.32 -12.49 21.00
CA VAL A 116 5.39 -11.51 20.41
C VAL A 116 4.68 -12.16 19.25
N ILE A 117 5.35 -12.93 18.42
CA ILE A 117 4.74 -13.55 17.26
C ILE A 117 3.68 -14.60 17.71
N ASN A 118 4.00 -15.27 18.81
CA ASN A 118 3.04 -16.29 19.30
C ASN A 118 1.79 -15.66 19.86
N VAL A 119 1.80 -14.64 20.68
CA VAL A 119 0.60 -14.08 21.20
C VAL A 119 -0.21 -13.36 20.05
N ASN A 120 0.49 -12.41 19.46
CA ASN A 120 -0.18 -11.48 18.50
C ASN A 120 -0.63 -12.18 17.24
N LEU A 121 0.19 -12.92 16.54
CA LEU A 121 -0.11 -13.50 15.26
C LEU A 121 -0.72 -14.90 15.40
N ILE A 122 0.07 -15.86 16.00
CA ILE A 122 -0.49 -17.22 16.09
C ILE A 122 -1.73 -17.22 16.98
N GLY A 123 -1.73 -16.45 18.09
CA GLY A 123 -2.94 -16.42 18.92
C GLY A 123 -4.22 -15.84 18.19
N THR A 124 -3.97 -14.87 17.28
CA THR A 124 -5.19 -14.38 16.50
C THR A 124 -5.63 -15.45 15.55
N PHE A 125 -4.76 -16.13 14.81
CA PHE A 125 -5.09 -17.22 13.90
C PHE A 125 -5.78 -18.38 14.71
N ASN A 126 -5.26 -18.67 15.86
CA ASN A 126 -5.87 -19.79 16.71
C ASN A 126 -7.34 -19.40 16.95
N VAL A 127 -7.61 -18.16 17.36
CA VAL A 127 -9.05 -17.80 17.64
C VAL A 127 -9.80 -17.83 16.36
N ILE A 128 -9.30 -17.31 15.24
CA ILE A 128 -9.99 -17.26 13.96
C ILE A 128 -10.40 -18.70 13.55
N ARG A 129 -9.39 -19.61 13.59
CA ARG A 129 -9.66 -20.88 12.94
C ARG A 129 -10.75 -21.60 13.75
N LEU A 130 -10.67 -21.46 15.06
CA LEU A 130 -11.64 -22.19 15.94
C LEU A 130 -13.03 -21.54 15.88
N VAL A 131 -13.15 -20.20 15.82
CA VAL A 131 -14.46 -19.55 15.77
C VAL A 131 -15.04 -19.65 14.38
N ALA A 132 -14.28 -19.92 13.35
CA ALA A 132 -14.94 -20.04 11.99
C ALA A 132 -15.85 -21.29 11.96
N GLY A 133 -15.34 -22.36 12.53
CA GLY A 133 -16.15 -23.62 12.51
C GLY A 133 -17.38 -23.41 13.36
N VAL A 134 -17.33 -22.64 14.45
CA VAL A 134 -18.55 -22.40 15.24
C VAL A 134 -19.53 -21.55 14.48
N MET A 135 -19.05 -20.41 13.87
CA MET A 135 -20.00 -19.53 13.17
C MET A 135 -20.64 -20.28 11.97
N GLY A 136 -19.88 -21.21 11.42
CA GLY A 136 -20.34 -21.99 10.26
C GLY A 136 -21.56 -22.89 10.67
N GLN A 137 -21.84 -23.01 11.95
CA GLN A 137 -23.04 -23.73 12.37
C GLN A 137 -24.24 -22.86 12.29
N ASN A 138 -24.11 -21.51 12.18
CA ASN A 138 -25.25 -20.61 12.16
C ASN A 138 -26.05 -20.79 10.86
N GLU A 139 -27.40 -20.64 10.88
CA GLU A 139 -28.13 -20.43 9.66
C GLU A 139 -27.71 -19.08 9.05
N PRO A 140 -27.50 -19.05 7.76
CA PRO A 140 -27.16 -17.79 7.04
C PRO A 140 -28.32 -16.82 7.14
N ASP A 141 -28.09 -15.52 7.27
CA ASP A 141 -29.12 -14.54 7.32
C ASP A 141 -29.69 -14.41 5.93
N GLN A 142 -30.54 -13.44 5.72
CA GLN A 142 -31.10 -13.13 4.42
C GLN A 142 -30.01 -12.89 3.39
N GLY A 143 -28.92 -12.23 3.80
CA GLY A 143 -27.89 -12.00 2.80
C GLY A 143 -26.72 -12.94 2.82
N GLY A 144 -26.97 -14.22 3.30
CA GLY A 144 -25.94 -15.20 3.18
C GLY A 144 -24.90 -15.14 4.37
N GLN A 145 -25.09 -14.23 5.30
CA GLN A 145 -24.00 -14.08 6.28
C GLN A 145 -24.22 -14.88 7.57
N ARG A 146 -23.05 -15.56 7.89
CA ARG A 146 -22.98 -16.39 9.07
C ARG A 146 -22.14 -15.76 10.17
N GLY A 147 -21.24 -14.76 9.89
CA GLY A 147 -20.51 -14.27 11.09
C GLY A 147 -19.58 -13.13 10.61
N VAL A 148 -18.94 -12.38 11.54
CA VAL A 148 -17.95 -11.38 11.14
C VAL A 148 -16.71 -11.50 12.11
N ILE A 149 -15.55 -11.52 11.46
CA ILE A 149 -14.35 -11.68 12.30
C ILE A 149 -13.57 -10.36 12.21
N ILE A 150 -13.17 -9.73 13.29
CA ILE A 150 -12.50 -8.41 13.19
C ILE A 150 -11.18 -8.57 13.97
N ASN A 151 -10.08 -8.24 13.23
CA ASN A 151 -8.76 -8.43 13.92
C ASN A 151 -8.14 -7.05 14.19
N THR A 152 -7.19 -7.01 15.18
CA THR A 152 -6.56 -5.66 15.39
C THR A 152 -5.08 -5.79 15.04
N ALA A 153 -4.66 -5.11 13.95
CA ALA A 153 -3.24 -4.99 13.60
C ALA A 153 -2.67 -3.71 14.25
N SER A 154 -2.10 -2.83 13.48
CA SER A 154 -1.49 -1.63 13.98
C SER A 154 -0.91 -0.87 12.77
N VAL A 155 -0.71 0.46 13.02
CA VAL A 155 0.01 1.17 11.94
C VAL A 155 1.43 0.67 11.86
N ALA A 156 1.96 0.12 12.95
CA ALA A 156 3.31 -0.54 12.84
C ALA A 156 3.50 -1.61 11.80
N ALA A 157 2.39 -2.15 11.19
CA ALA A 157 2.52 -3.10 10.09
C ALA A 157 3.03 -2.42 8.78
N PHE A 158 2.92 -1.09 8.85
CA PHE A 158 3.26 -0.28 7.68
C PHE A 158 4.41 0.69 7.93
N GLU A 159 4.51 1.32 9.09
CA GLU A 159 5.58 2.23 9.43
C GLU A 159 6.25 1.89 10.75
N GLY A 160 6.65 0.62 10.92
CA GLY A 160 7.28 0.25 12.21
C GLY A 160 8.43 1.17 12.58
N GLN A 161 8.41 1.55 13.88
CA GLN A 161 9.54 2.38 14.33
C GLN A 161 10.78 1.54 14.80
N VAL A 162 11.81 2.33 15.14
CA VAL A 162 13.05 1.67 15.78
C VAL A 162 12.52 0.95 16.99
N GLY A 163 12.96 -0.32 17.17
CA GLY A 163 12.53 -1.06 18.34
C GLY A 163 11.35 -1.95 18.10
N GLN A 164 10.65 -1.73 16.89
CA GLN A 164 9.41 -2.55 16.74
C GLN A 164 9.47 -3.67 15.78
N ALA A 165 10.61 -4.31 15.51
CA ALA A 165 10.71 -5.36 14.55
C ALA A 165 9.71 -6.49 14.88
N ALA A 166 9.77 -6.97 16.16
CA ALA A 166 8.89 -8.11 16.57
C ALA A 166 7.38 -7.75 16.48
N TYR A 167 7.03 -6.55 16.94
CA TYR A 167 5.65 -6.14 16.98
C TYR A 167 5.17 -5.87 15.54
N SER A 168 6.05 -5.22 14.74
CA SER A 168 5.70 -4.98 13.35
C SER A 168 5.51 -6.31 12.59
N ALA A 169 6.42 -7.27 12.78
CA ALA A 169 6.31 -8.54 12.12
C ALA A 169 4.99 -9.21 12.47
N SER A 170 4.61 -9.20 13.73
CA SER A 170 3.31 -9.82 14.12
C SER A 170 2.10 -9.09 13.56
N LYS A 171 2.17 -7.77 13.45
CA LYS A 171 0.99 -7.07 12.95
C LYS A 171 0.98 -7.20 11.45
N GLY A 172 2.11 -7.19 10.69
CA GLY A 172 2.15 -7.32 9.23
C GLY A 172 1.64 -8.72 8.93
N GLY A 173 1.89 -9.63 9.88
CA GLY A 173 1.41 -11.05 9.58
C GLY A 173 -0.16 -11.00 9.61
N ILE A 174 -0.69 -10.21 10.53
CA ILE A 174 -2.17 -10.12 10.61
C ILE A 174 -2.74 -9.53 9.32
N VAL A 175 -2.14 -8.39 8.90
CA VAL A 175 -2.52 -7.75 7.66
C VAL A 175 -2.37 -8.75 6.55
N GLY A 176 -1.24 -9.43 6.38
CA GLY A 176 -1.08 -10.35 5.21
C GLY A 176 -2.07 -11.55 5.17
N MET A 177 -2.53 -11.97 6.29
CA MET A 177 -3.47 -13.10 6.24
C MET A 177 -4.95 -12.69 6.17
N THR A 178 -5.26 -11.35 6.19
CA THR A 178 -6.64 -10.92 6.20
C THR A 178 -7.33 -11.30 4.86
N LEU A 179 -6.75 -11.02 3.71
CA LEU A 179 -7.45 -11.38 2.44
C LEU A 179 -7.51 -12.88 2.27
N PRO A 180 -6.52 -13.70 2.43
CA PRO A 180 -6.68 -15.17 2.16
C PRO A 180 -7.65 -15.72 3.15
N ILE A 181 -7.75 -15.28 4.41
CA ILE A 181 -8.77 -15.83 5.27
C ILE A 181 -10.16 -15.36 4.80
N ALA A 182 -10.32 -14.11 4.41
CA ALA A 182 -11.69 -13.75 3.91
C ALA A 182 -11.95 -14.55 2.61
N ARG A 183 -11.01 -14.92 1.80
CA ARG A 183 -11.34 -15.66 0.59
C ARG A 183 -11.72 -17.12 1.01
N ASP A 184 -10.95 -17.67 1.95
CA ASP A 184 -11.27 -19.07 2.44
C ASP A 184 -12.69 -19.17 2.99
N LEU A 185 -13.18 -18.13 3.67
CA LEU A 185 -14.46 -18.17 4.40
C LEU A 185 -15.61 -17.62 3.56
N ALA A 186 -15.25 -17.16 2.36
CA ALA A 186 -16.34 -16.51 1.58
C ALA A 186 -17.49 -17.52 1.39
N PRO A 187 -17.22 -18.77 1.04
CA PRO A 187 -18.29 -19.75 0.75
C PRO A 187 -19.19 -19.98 1.93
N ILE A 188 -18.78 -19.72 3.19
CA ILE A 188 -19.74 -19.88 4.28
C ILE A 188 -20.24 -18.56 4.82
N GLY A 189 -19.90 -17.42 4.24
CA GLY A 189 -20.44 -16.14 4.62
C GLY A 189 -19.90 -15.44 5.88
N ILE A 190 -18.60 -15.68 6.10
CA ILE A 190 -17.97 -15.02 7.30
C ILE A 190 -17.05 -13.92 6.68
N ARG A 191 -17.37 -12.66 7.03
CA ARG A 191 -16.48 -11.59 6.65
C ARG A 191 -15.31 -11.53 7.61
N VAL A 192 -14.17 -11.01 7.04
CA VAL A 192 -12.89 -10.94 7.86
C VAL A 192 -12.36 -9.55 7.59
N VAL A 193 -12.26 -8.68 8.62
CA VAL A 193 -11.76 -7.31 8.39
C VAL A 193 -10.74 -7.04 9.49
N THR A 194 -9.72 -6.22 9.15
CA THR A 194 -8.71 -5.85 10.16
C THR A 194 -8.67 -4.32 10.40
N ILE A 195 -8.52 -3.91 11.68
CA ILE A 195 -8.48 -2.47 12.02
C ILE A 195 -7.00 -2.27 12.45
N ALA A 196 -6.36 -1.20 11.99
CA ALA A 196 -4.95 -0.86 12.29
C ALA A 196 -4.88 0.48 13.06
N PRO A 197 -5.00 0.40 14.39
CA PRO A 197 -5.01 1.62 15.17
C PRO A 197 -3.64 2.27 15.13
N GLY A 198 -3.72 3.62 15.39
CA GLY A 198 -2.50 4.34 15.44
C GLY A 198 -2.15 4.33 17.01
N LEU A 199 -2.12 5.47 17.60
CA LEU A 199 -1.79 5.47 19.09
C LEU A 199 -3.07 5.79 19.88
N PHE A 200 -3.34 4.99 20.89
CA PHE A 200 -4.53 5.04 21.69
C PHE A 200 -4.21 5.09 23.21
N ALA A 201 -5.12 5.76 23.88
CA ALA A 201 -4.88 5.85 25.40
C ALA A 201 -5.30 4.59 26.08
N THR A 202 -4.43 3.62 26.15
CA THR A 202 -4.74 2.36 26.84
C THR A 202 -3.57 2.06 27.81
N PRO A 203 -3.72 1.01 28.59
CA PRO A 203 -2.65 0.58 29.52
C PRO A 203 -1.41 0.09 28.79
N LEU A 204 -1.37 -0.14 27.49
CA LEU A 204 -0.17 -0.05 26.67
C LEU A 204 0.45 1.35 26.68
N LEU A 205 -0.11 2.49 26.32
CA LEU A 205 0.44 3.82 26.30
C LEU A 205 0.40 4.49 27.68
N THR A 206 -0.76 4.99 28.12
CA THR A 206 -0.93 5.76 29.34
C THR A 206 0.02 5.44 30.48
N LYS A 211 5.18 12.94 28.63
CA LYS A 211 6.40 13.33 27.92
C LYS A 211 6.93 12.30 26.89
N VAL A 212 6.67 11.04 27.18
CA VAL A 212 7.03 9.97 26.27
C VAL A 212 5.80 9.71 25.39
N ARG A 213 4.71 9.85 26.17
CA ARG A 213 3.38 9.65 25.59
C ARG A 213 2.84 10.92 24.99
N ASN A 214 2.95 12.11 25.58
CA ASN A 214 2.29 13.26 24.89
C ASN A 214 3.12 13.82 23.74
N PHE A 215 4.37 13.36 23.61
CA PHE A 215 5.23 13.71 22.49
C PHE A 215 4.67 12.95 21.27
N LEU A 216 4.24 11.72 21.59
CA LEU A 216 3.64 10.82 20.60
C LEU A 216 2.34 11.45 20.12
N ALA A 217 1.53 11.97 21.05
CA ALA A 217 0.24 12.59 20.74
C ALA A 217 0.40 13.97 20.10
N SER A 218 1.61 14.54 20.20
CA SER A 218 1.86 15.80 19.49
C SER A 218 2.11 15.57 18.00
N GLN A 219 2.42 14.33 17.60
CA GLN A 219 2.59 13.98 16.20
C GLN A 219 1.29 13.70 15.43
N VAL A 220 0.17 13.67 16.10
CA VAL A 220 -1.06 13.28 15.30
C VAL A 220 -1.60 14.50 14.66
N PRO A 221 -1.76 14.60 13.32
CA PRO A 221 -2.33 15.72 12.64
C PRO A 221 -3.62 16.19 13.29
N PHE A 222 -4.69 15.39 13.40
CA PHE A 222 -5.97 15.87 13.88
C PHE A 222 -6.93 14.67 13.97
N PRO A 223 -7.57 14.51 15.09
CA PRO A 223 -7.43 15.38 16.24
C PRO A 223 -6.08 15.17 16.89
N SER A 224 -5.48 16.22 17.43
CA SER A 224 -4.15 16.11 17.95
C SER A 224 -4.00 15.56 19.38
N ARG A 225 -4.23 14.20 19.43
CA ARG A 225 -4.19 13.60 20.76
C ARG A 225 -4.25 12.03 20.58
N LEU A 226 -4.03 11.35 21.67
CA LEU A 226 -4.18 9.90 21.53
C LEU A 226 -5.60 9.58 21.16
N GLY A 227 -5.76 8.43 20.49
CA GLY A 227 -7.13 7.95 20.26
C GLY A 227 -7.85 7.60 21.59
N ASP A 228 -9.16 7.65 21.59
CA ASP A 228 -9.92 7.20 22.82
C ASP A 228 -10.45 5.87 22.45
N PRO A 229 -10.36 4.88 23.32
CA PRO A 229 -10.78 3.46 23.01
C PRO A 229 -12.19 3.41 22.50
N ALA A 230 -13.12 4.33 22.93
CA ALA A 230 -14.51 4.36 22.47
C ALA A 230 -14.57 4.62 20.96
N GLU A 231 -13.57 5.32 20.46
CA GLU A 231 -13.54 5.49 18.94
C GLU A 231 -13.20 4.20 18.16
N TYR A 232 -12.31 3.36 18.75
CA TYR A 232 -12.05 2.03 18.19
C TYR A 232 -13.34 1.23 18.28
N ALA A 233 -14.03 1.28 19.49
CA ALA A 233 -15.25 0.50 19.61
C ALA A 233 -16.34 0.96 18.56
N HIS A 234 -16.45 2.25 18.28
CA HIS A 234 -17.46 2.61 17.21
C HIS A 234 -17.03 2.07 15.87
N LEU A 235 -15.73 2.09 15.53
CA LEU A 235 -15.35 1.50 14.29
C LEU A 235 -15.73 0.01 14.25
N VAL A 236 -15.45 -0.68 15.36
CA VAL A 236 -15.85 -2.13 15.32
C VAL A 236 -17.35 -2.32 15.03
N GLN A 237 -18.25 -1.53 15.65
CA GLN A 237 -19.73 -1.58 15.38
C GLN A 237 -20.00 -1.32 13.88
N MET A 238 -19.32 -0.33 13.32
CA MET A 238 -19.59 -0.10 11.87
C MET A 238 -19.27 -1.33 11.05
N VAL A 239 -18.07 -1.94 11.35
CA VAL A 239 -17.61 -3.08 10.61
C VAL A 239 -18.64 -4.21 10.79
N ILE A 240 -19.19 -4.41 12.01
CA ILE A 240 -20.24 -5.48 12.12
C ILE A 240 -21.44 -5.14 11.21
N GLU A 241 -21.94 -3.89 11.27
CA GLU A 241 -23.13 -3.52 10.60
C GLU A 241 -23.00 -3.52 9.05
N ASN A 242 -21.84 -3.17 8.53
CA ASN A 242 -21.87 -2.96 7.02
C ASN A 242 -21.58 -4.21 6.25
N PRO A 243 -22.55 -4.84 5.60
CA PRO A 243 -22.40 -6.13 4.95
C PRO A 243 -21.40 -6.25 3.81
N PHE A 244 -20.92 -5.11 3.32
CA PHE A 244 -20.04 -5.23 2.07
C PHE A 244 -18.57 -5.02 2.46
N LEU A 245 -18.31 -4.67 3.71
CA LEU A 245 -16.85 -4.49 4.04
C LEU A 245 -16.21 -5.86 4.38
N ASN A 246 -15.17 -6.17 3.59
CA ASN A 246 -14.60 -7.55 3.73
C ASN A 246 -13.20 -7.62 3.07
N GLY A 247 -12.27 -8.25 3.72
CA GLY A 247 -10.94 -8.51 3.21
C GLY A 247 -10.08 -7.23 3.27
N GLU A 248 -10.38 -6.23 4.09
CA GLU A 248 -9.70 -4.95 4.03
C GLU A 248 -9.06 -4.62 5.38
N VAL A 249 -8.15 -3.70 5.41
CA VAL A 249 -7.53 -3.20 6.59
C VAL A 249 -7.78 -1.69 6.70
N ILE A 250 -8.24 -1.15 7.81
CA ILE A 250 -8.65 0.23 7.98
C ILE A 250 -7.70 0.87 9.00
N ARG A 251 -6.95 1.93 8.65
CA ARG A 251 -6.18 2.69 9.62
C ARG A 251 -7.09 3.61 10.43
N LEU A 252 -6.95 3.60 11.74
CA LEU A 252 -7.74 4.45 12.67
C LEU A 252 -6.68 5.13 13.51
N ASP A 253 -6.31 6.39 13.05
CA ASP A 253 -5.09 7.00 13.60
C ASP A 253 -4.92 8.49 13.49
N GLY A 254 -6.00 9.21 13.16
CA GLY A 254 -5.80 10.69 13.24
C GLY A 254 -4.93 11.23 12.12
N ALA A 255 -4.61 10.42 11.09
CA ALA A 255 -3.75 10.76 9.97
C ALA A 255 -2.24 10.72 10.22
N ILE A 256 -1.88 10.12 11.39
CA ILE A 256 -0.44 9.96 11.78
C ILE A 256 0.32 9.12 10.81
N ARG A 257 1.60 9.44 10.54
CA ARG A 257 2.48 8.47 9.80
C ARG A 257 3.69 8.38 10.78
N MET A 258 4.09 7.21 11.14
CA MET A 258 5.12 7.12 12.18
C MET A 258 6.55 7.29 11.68
N GLN A 259 7.26 8.16 12.41
CA GLN A 259 8.68 8.40 12.15
C GLN A 259 9.46 7.39 13.04
N PRO A 260 10.77 7.32 12.58
CA PRO A 260 11.65 6.29 13.22
C PRO A 260 11.58 6.33 14.75
N SER B 6 29.27 -3.76 -10.01
CA SER B 6 30.11 -4.78 -9.38
C SER B 6 29.87 -5.31 -7.98
N VAL B 7 29.90 -6.68 -7.88
CA VAL B 7 29.77 -7.32 -6.56
C VAL B 7 31.03 -8.17 -6.26
N LYS B 8 31.98 -7.85 -7.15
CA LYS B 8 33.27 -8.49 -7.12
C LYS B 8 33.89 -8.33 -5.73
N GLY B 9 34.26 -9.54 -5.26
CA GLY B 9 34.93 -9.46 -3.93
C GLY B 9 34.04 -9.69 -2.71
N LEU B 10 32.76 -9.30 -2.86
CA LEU B 10 31.82 -9.34 -1.71
C LEU B 10 31.58 -10.75 -1.19
N VAL B 11 31.31 -10.90 0.13
CA VAL B 11 31.01 -12.23 0.65
C VAL B 11 29.51 -12.31 0.98
N ALA B 12 28.81 -13.21 0.39
CA ALA B 12 27.33 -13.24 0.72
C ALA B 12 27.02 -14.61 1.40
N VAL B 13 26.09 -14.58 2.35
CA VAL B 13 25.54 -15.81 2.90
C VAL B 13 24.08 -15.94 2.36
N ILE B 14 23.79 -17.07 1.72
CA ILE B 14 22.44 -17.14 1.03
C ILE B 14 21.74 -18.33 1.73
N THR B 15 20.68 -18.05 2.48
CA THR B 15 19.93 -19.13 3.11
C THR B 15 18.99 -19.65 2.00
N GLY B 16 18.75 -20.97 2.11
CA GLY B 16 18.02 -21.63 1.02
C GLY B 16 18.81 -21.69 -0.26
N GLY B 17 20.14 -21.76 -0.09
CA GLY B 17 20.95 -21.67 -1.32
C GLY B 17 21.25 -22.98 -2.03
N ALA B 18 20.65 -24.15 -1.56
CA ALA B 18 20.94 -25.35 -2.36
C ALA B 18 19.96 -25.53 -3.47
N SER B 19 18.92 -24.69 -3.58
CA SER B 19 17.88 -24.88 -4.59
C SER B 19 17.28 -23.58 -5.08
N GLY B 20 16.57 -23.60 -6.18
CA GLY B 20 15.66 -22.56 -6.68
C GLY B 20 16.23 -21.14 -6.65
N LEU B 21 15.51 -20.24 -5.96
CA LEU B 21 16.01 -18.82 -6.06
C LEU B 21 17.40 -18.58 -5.44
N GLY B 22 17.54 -19.11 -4.23
CA GLY B 22 18.83 -18.94 -3.47
C GLY B 22 19.98 -19.53 -4.34
N LEU B 23 19.81 -20.76 -4.92
CA LEU B 23 20.94 -21.26 -5.77
C LEU B 23 21.22 -20.46 -7.02
N SER B 24 20.17 -19.96 -7.72
CA SER B 24 20.42 -19.13 -8.90
C SER B 24 21.13 -17.86 -8.51
N THR B 25 20.72 -17.32 -7.33
CA THR B 25 21.39 -16.11 -6.86
C THR B 25 22.92 -16.46 -6.62
N ALA B 26 23.11 -17.59 -5.98
CA ALA B 26 24.55 -17.95 -5.74
C ALA B 26 25.27 -18.16 -7.07
N LYS B 27 24.71 -18.86 -8.03
CA LYS B 27 25.39 -18.98 -9.37
C LYS B 27 25.70 -17.54 -9.85
N ARG B 28 24.67 -16.66 -9.85
CA ARG B 28 25.04 -15.30 -10.46
C ARG B 28 26.13 -14.57 -9.74
N LEU B 29 26.08 -14.53 -8.41
CA LEU B 29 27.04 -13.74 -7.69
C LEU B 29 28.42 -14.43 -7.82
N VAL B 30 28.54 -15.72 -7.80
CA VAL B 30 29.90 -16.30 -7.98
C VAL B 30 30.37 -16.03 -9.40
N GLY B 31 29.56 -16.21 -10.42
CA GLY B 31 29.84 -15.84 -11.81
C GLY B 31 30.26 -14.38 -11.92
N GLN B 32 29.91 -13.45 -11.07
CA GLN B 32 30.31 -12.04 -11.09
C GLN B 32 31.49 -11.69 -10.18
N GLY B 33 32.03 -12.77 -9.54
CA GLY B 33 33.23 -12.65 -8.76
C GLY B 33 33.13 -12.50 -7.29
N ALA B 34 31.89 -12.82 -6.80
CA ALA B 34 31.65 -12.76 -5.35
C ALA B 34 31.91 -14.11 -4.70
N THR B 35 31.93 -14.15 -3.39
CA THR B 35 31.94 -15.45 -2.71
C THR B 35 30.58 -15.77 -2.11
N ALA B 36 30.22 -17.08 -2.20
CA ALA B 36 28.88 -17.37 -1.59
C ALA B 36 28.92 -18.51 -0.62
N VAL B 37 28.14 -18.46 0.47
CA VAL B 37 28.08 -19.46 1.44
C VAL B 37 26.62 -19.97 1.40
N LEU B 38 26.43 -21.22 0.87
CA LEU B 38 25.05 -21.68 0.91
C LEU B 38 24.60 -22.30 2.23
N LEU B 39 23.57 -21.67 2.84
CA LEU B 39 23.06 -22.06 4.18
C LEU B 39 21.78 -22.80 3.86
N ASP B 40 21.82 -24.14 4.16
CA ASP B 40 20.61 -24.95 3.79
C ASP B 40 20.62 -26.20 4.69
N VAL B 41 19.59 -26.99 4.69
CA VAL B 41 19.51 -28.12 5.61
C VAL B 41 20.45 -29.21 5.09
N PRO B 42 20.92 -30.04 6.01
CA PRO B 42 22.00 -30.99 5.73
C PRO B 42 21.53 -32.00 4.74
N ASN B 43 20.21 -32.25 4.68
CA ASN B 43 19.62 -33.11 3.70
C ASN B 43 19.42 -32.54 2.33
N SER B 44 19.82 -31.27 2.09
CA SER B 44 19.63 -30.72 0.74
C SER B 44 20.77 -31.13 -0.19
N GLU B 45 20.82 -30.59 -1.38
CA GLU B 45 22.02 -30.88 -2.20
C GLU B 45 23.06 -29.79 -2.09
N GLY B 46 23.19 -29.10 -0.93
CA GLY B 46 24.10 -28.00 -0.81
C GLY B 46 25.57 -28.24 -1.11
N GLU B 47 25.97 -29.51 -0.76
CA GLU B 47 27.43 -29.78 -0.84
C GLU B 47 27.83 -29.92 -2.29
N THR B 48 27.03 -30.64 -3.03
CA THR B 48 27.25 -30.82 -4.45
C THR B 48 27.13 -29.57 -5.32
N GLU B 49 26.14 -28.73 -4.99
CA GLU B 49 25.93 -27.46 -5.63
C GLU B 49 27.12 -26.54 -5.34
N ALA B 50 27.63 -26.57 -4.12
CA ALA B 50 28.75 -25.70 -3.75
C ALA B 50 30.05 -26.17 -4.41
N LYS B 51 30.12 -27.52 -4.58
CA LYS B 51 31.24 -28.14 -5.24
C LYS B 51 31.25 -27.76 -6.70
N LYS B 52 30.09 -27.80 -7.39
CA LYS B 52 29.98 -27.37 -8.75
C LYS B 52 30.31 -25.90 -9.02
N LEU B 53 30.03 -25.02 -8.09
CA LEU B 53 30.38 -23.64 -8.23
C LEU B 53 31.83 -23.32 -7.88
N GLY B 54 32.63 -24.31 -7.55
CA GLY B 54 34.02 -24.00 -7.26
C GLY B 54 34.34 -23.56 -5.90
N GLY B 55 35.64 -23.18 -5.70
CA GLY B 55 36.05 -22.95 -4.33
C GLY B 55 35.67 -21.58 -3.75
N ASN B 56 35.01 -20.76 -4.57
CA ASN B 56 34.46 -19.53 -3.99
C ASN B 56 33.01 -19.72 -3.46
N CYS B 57 32.56 -20.94 -3.40
CA CYS B 57 31.19 -21.28 -2.91
C CYS B 57 31.24 -22.47 -1.99
N ILE B 58 30.88 -22.26 -0.73
CA ILE B 58 30.93 -23.39 0.23
C ILE B 58 29.52 -23.57 0.76
N PHE B 59 29.30 -24.83 1.22
CA PHE B 59 28.11 -25.16 1.93
C PHE B 59 28.24 -25.11 3.41
N ALA B 60 27.45 -24.34 4.19
CA ALA B 60 27.36 -24.35 5.61
C ALA B 60 26.00 -24.88 6.08
N PRO B 61 25.84 -26.18 6.23
CA PRO B 61 24.63 -26.83 6.70
C PRO B 61 24.06 -26.23 7.96
N ALA B 62 22.78 -25.75 7.96
CA ALA B 62 22.19 -25.10 9.11
C ALA B 62 20.66 -24.99 8.89
N ASN B 63 19.87 -25.26 9.95
CA ASN B 63 18.42 -24.89 9.83
C ASN B 63 18.30 -23.43 10.35
N VAL B 64 17.49 -22.56 9.62
CA VAL B 64 17.46 -21.12 10.05
C VAL B 64 16.62 -20.89 11.30
N THR B 65 15.95 -21.90 11.79
CA THR B 65 15.15 -21.77 13.06
C THR B 65 16.11 -21.95 14.26
N SER B 66 17.27 -22.53 13.93
CA SER B 66 18.24 -22.84 15.02
C SER B 66 19.24 -21.75 15.25
N GLU B 67 19.23 -21.09 16.40
CA GLU B 67 20.14 -20.03 16.75
C GLU B 67 21.65 -20.54 16.79
N LYS B 68 21.79 -21.76 17.33
CA LYS B 68 23.14 -22.36 17.35
C LYS B 68 23.62 -22.68 15.97
N GLU B 69 22.79 -23.23 15.10
CA GLU B 69 23.27 -23.61 13.78
C GLU B 69 23.62 -22.42 12.88
N VAL B 70 22.69 -21.41 12.95
CA VAL B 70 23.03 -20.21 12.10
C VAL B 70 24.27 -19.51 12.66
N GLN B 71 24.36 -19.39 14.00
CA GLN B 71 25.60 -18.73 14.44
C GLN B 71 26.83 -19.55 13.96
N ALA B 72 26.81 -20.87 13.95
CA ALA B 72 28.04 -21.58 13.55
C ALA B 72 28.26 -21.42 12.05
N ALA B 73 27.18 -21.31 11.23
CA ALA B 73 27.46 -21.15 9.81
C ALA B 73 27.95 -19.76 9.51
N LEU B 74 27.52 -18.74 10.19
CA LEU B 74 27.99 -17.38 9.93
C LEU B 74 29.49 -17.29 10.35
N THR B 75 29.75 -17.92 11.52
CA THR B 75 31.16 -17.99 12.00
C THR B 75 32.01 -18.71 11.00
N LEU B 76 31.55 -19.81 10.42
CA LEU B 76 32.36 -20.44 9.35
C LEU B 76 32.58 -19.47 8.17
N ALA B 77 31.51 -18.74 7.77
CA ALA B 77 31.75 -17.78 6.73
C ALA B 77 32.74 -16.69 7.03
N LYS B 78 32.65 -16.15 8.23
CA LYS B 78 33.51 -15.00 8.59
C LYS B 78 35.01 -15.44 8.71
N GLU B 79 35.19 -16.63 9.30
CA GLU B 79 36.52 -17.24 9.30
C GLU B 79 36.97 -17.62 7.87
N LYS B 80 36.37 -18.31 6.98
CA LYS B 80 36.83 -18.76 5.71
C LYS B 80 37.13 -17.60 4.78
N PHE B 81 36.26 -16.58 4.79
CA PHE B 81 36.33 -15.52 3.78
C PHE B 81 36.73 -14.20 4.38
N GLY B 82 36.66 -13.94 5.66
CA GLY B 82 37.10 -12.79 6.36
C GLY B 82 36.12 -11.75 6.87
N ARG B 83 34.93 -11.84 6.26
CA ARG B 83 33.84 -10.95 6.67
C ARG B 83 32.56 -11.37 5.99
N ILE B 84 31.41 -10.71 6.34
CA ILE B 84 30.16 -10.95 5.58
C ILE B 84 29.64 -9.53 5.13
N ASP B 85 29.48 -9.44 3.82
CA ASP B 85 28.98 -8.18 3.25
C ASP B 85 27.50 -8.24 2.94
N VAL B 86 26.97 -9.41 2.55
CA VAL B 86 25.54 -9.47 2.10
C VAL B 86 24.90 -10.73 2.72
N ALA B 87 23.59 -10.62 3.03
CA ALA B 87 22.86 -11.80 3.46
C ALA B 87 21.56 -11.85 2.56
N VAL B 88 21.27 -12.99 2.01
CA VAL B 88 20.04 -13.16 1.23
C VAL B 88 19.20 -14.27 1.88
N ASN B 89 18.03 -13.83 2.39
CA ASN B 89 17.12 -14.91 2.98
C ASN B 89 16.22 -15.57 1.95
N CYS B 90 16.40 -16.84 1.54
CA CYS B 90 15.54 -17.48 0.52
C CYS B 90 15.04 -18.81 1.15
N ALA B 91 15.55 -19.19 2.32
CA ALA B 91 15.01 -20.39 2.98
C ALA B 91 13.51 -20.20 3.19
N GLY B 92 12.74 -21.21 2.77
CA GLY B 92 11.31 -21.02 2.91
C GLY B 92 10.49 -22.26 2.54
N ILE B 93 9.32 -22.39 3.22
CA ILE B 93 8.47 -23.49 2.83
C ILE B 93 7.03 -23.01 2.51
N ALA B 94 6.19 -23.84 1.97
CA ALA B 94 4.79 -23.39 1.67
C ALA B 94 3.85 -24.51 2.07
N VAL B 95 2.55 -24.19 2.27
CA VAL B 95 1.52 -25.22 2.55
C VAL B 95 0.28 -24.68 1.78
N ALA B 96 -0.69 -25.51 1.54
CA ALA B 96 -1.93 -25.05 0.87
C ALA B 96 -3.00 -25.72 1.74
N ILE B 97 -3.56 -25.00 2.70
CA ILE B 97 -4.54 -25.48 3.66
C ILE B 97 -5.56 -24.36 3.99
N LYS B 98 -6.84 -24.63 3.83
CA LYS B 98 -7.90 -23.68 4.18
C LYS B 98 -7.93 -23.52 5.71
N THR B 99 -8.39 -22.27 6.07
CA THR B 99 -8.58 -21.99 7.48
C THR B 99 -9.63 -22.97 8.07
N TYR B 100 -10.76 -23.07 7.32
CA TYR B 100 -11.81 -23.98 7.81
C TYR B 100 -12.38 -24.47 6.46
N HIS B 101 -12.41 -25.77 6.28
CA HIS B 101 -12.90 -26.40 5.06
C HIS B 101 -14.27 -27.02 5.37
N GLU B 102 -15.27 -26.36 4.82
CA GLU B 102 -16.63 -26.82 5.16
C GLU B 102 -17.04 -28.23 4.66
N LYS B 103 -16.65 -28.75 3.51
CA LYS B 103 -17.00 -30.09 3.08
C LYS B 103 -16.40 -31.16 4.01
N LYS B 104 -15.16 -31.11 4.47
CA LYS B 104 -14.60 -32.12 5.33
C LYS B 104 -14.76 -31.82 6.81
N ASN B 105 -15.41 -30.72 7.15
CA ASN B 105 -15.45 -30.12 8.47
C ASN B 105 -14.07 -30.01 9.12
N GLN B 106 -13.09 -29.54 8.33
CA GLN B 106 -11.67 -29.58 8.77
C GLN B 106 -11.12 -28.19 9.14
N VAL B 107 -10.67 -28.01 10.34
CA VAL B 107 -10.07 -26.75 10.80
C VAL B 107 -8.58 -26.86 10.46
N HIS B 108 -7.95 -25.85 9.94
CA HIS B 108 -6.50 -25.82 9.72
C HIS B 108 -5.86 -26.08 11.12
N THR B 109 -4.77 -26.92 11.16
CA THR B 109 -4.24 -27.27 12.45
C THR B 109 -3.33 -26.16 12.98
N LEU B 110 -3.30 -26.00 14.26
CA LEU B 110 -2.39 -24.88 14.74
C LEU B 110 -0.93 -25.20 14.42
N GLU B 111 -0.48 -26.49 14.54
CA GLU B 111 0.85 -26.83 14.18
C GLU B 111 1.21 -26.58 12.77
N ASP B 112 0.34 -26.74 11.73
CA ASP B 112 0.81 -26.47 10.39
C ASP B 112 1.05 -24.94 10.18
N PHE B 113 0.18 -24.20 10.90
CA PHE B 113 0.45 -22.70 10.78
C PHE B 113 1.69 -22.25 11.49
N GLN B 114 1.88 -22.77 12.73
CA GLN B 114 3.15 -22.49 13.45
C GLN B 114 4.40 -22.92 12.71
N ARG B 115 4.33 -24.07 11.99
CA ARG B 115 5.60 -24.46 11.36
C ARG B 115 6.01 -23.58 10.19
N VAL B 116 5.01 -23.09 9.43
CA VAL B 116 5.31 -22.16 8.32
C VAL B 116 5.78 -20.84 8.91
N ILE B 117 5.20 -20.37 9.96
CA ILE B 117 5.67 -19.05 10.53
C ILE B 117 7.12 -19.25 11.13
N ASN B 118 7.36 -20.43 11.66
CA ASN B 118 8.69 -20.61 12.26
C ASN B 118 9.78 -20.64 11.24
N VAL B 119 9.59 -21.32 10.11
CA VAL B 119 10.66 -21.34 9.13
C VAL B 119 10.79 -19.96 8.43
N ASN B 120 9.63 -19.44 7.96
CA ASN B 120 9.72 -18.37 6.97
C ASN B 120 9.93 -17.07 7.67
N LEU B 121 9.24 -16.81 8.77
CA LEU B 121 9.32 -15.53 9.44
C LEU B 121 10.27 -15.49 10.57
N ILE B 122 10.17 -16.47 11.48
CA ILE B 122 11.10 -16.47 12.68
C ILE B 122 12.49 -16.86 12.15
N GLY B 123 12.58 -17.74 11.14
CA GLY B 123 13.91 -18.08 10.63
C GLY B 123 14.56 -16.91 9.93
N THR B 124 13.74 -16.13 9.18
CA THR B 124 14.42 -14.97 8.50
C THR B 124 14.85 -13.98 9.57
N PHE B 125 14.08 -13.69 10.62
CA PHE B 125 14.56 -12.77 11.64
C PHE B 125 15.80 -13.28 12.40
N ASN B 126 15.88 -14.58 12.58
CA ASN B 126 17.05 -15.18 13.27
C ASN B 126 18.29 -14.94 12.42
N VAL B 127 18.25 -15.11 11.11
CA VAL B 127 19.46 -14.80 10.31
C VAL B 127 19.73 -13.33 10.35
N ILE B 128 18.74 -12.43 10.18
CA ILE B 128 19.01 -11.00 10.18
C ILE B 128 19.67 -10.60 11.49
N ARG B 129 19.16 -11.06 12.63
CA ARG B 129 19.63 -10.51 13.90
C ARG B 129 21.10 -10.96 14.11
N LEU B 130 21.36 -12.18 13.69
CA LEU B 130 22.79 -12.53 14.01
C LEU B 130 23.74 -12.11 12.90
N VAL B 131 23.34 -12.01 11.59
CA VAL B 131 24.31 -11.42 10.64
C VAL B 131 24.53 -9.94 10.92
N ALA B 132 23.57 -9.19 11.44
CA ALA B 132 23.85 -7.72 11.62
C ALA B 132 25.08 -7.33 12.42
N GLY B 133 25.26 -8.15 13.48
CA GLY B 133 26.47 -7.79 14.34
C GLY B 133 27.68 -8.24 13.59
N VAL B 134 27.63 -9.27 12.75
CA VAL B 134 28.84 -9.59 11.98
C VAL B 134 29.16 -8.44 11.04
N MET B 135 28.08 -8.00 10.31
CA MET B 135 28.37 -6.89 9.37
C MET B 135 28.77 -5.65 10.11
N GLY B 136 28.39 -5.45 11.39
CA GLY B 136 28.74 -4.30 12.18
C GLY B 136 30.30 -4.24 12.45
N GLN B 137 30.95 -5.35 12.18
CA GLN B 137 32.41 -5.35 12.42
C GLN B 137 33.14 -4.74 11.25
N ASN B 138 32.45 -4.62 10.08
CA ASN B 138 33.18 -4.15 8.91
C ASN B 138 33.45 -2.63 8.97
N GLU B 139 34.63 -2.25 8.38
CA GLU B 139 34.88 -0.81 8.35
C GLU B 139 33.79 -0.33 7.32
N PRO B 140 33.24 0.80 7.62
CA PRO B 140 32.26 1.34 6.65
C PRO B 140 32.94 1.65 5.34
N ASP B 141 32.24 1.46 4.20
CA ASP B 141 32.88 1.89 2.93
C ASP B 141 32.83 3.42 2.80
N GLN B 142 33.25 3.87 1.59
CA GLN B 142 33.26 5.35 1.36
C GLN B 142 31.91 6.02 1.53
N GLY B 143 30.77 5.33 1.33
CA GLY B 143 29.46 5.94 1.65
C GLY B 143 28.83 5.50 2.94
N GLY B 144 29.62 5.10 3.98
CA GLY B 144 29.01 4.73 5.26
C GLY B 144 28.46 3.29 5.37
N GLN B 145 28.50 2.53 4.31
CA GLN B 145 27.83 1.23 4.36
C GLN B 145 28.63 0.10 4.92
N ARG B 146 28.02 -0.73 5.79
CA ARG B 146 28.71 -1.94 6.26
C ARG B 146 28.06 -3.22 5.74
N GLY B 147 26.83 -3.15 5.16
CA GLY B 147 26.26 -4.45 4.70
C GLY B 147 24.86 -4.21 4.10
N VAL B 148 24.37 -5.23 3.37
CA VAL B 148 23.04 -5.20 2.75
C VAL B 148 22.40 -6.51 3.09
N ILE B 149 21.09 -6.48 3.50
CA ILE B 149 20.35 -7.72 3.82
C ILE B 149 19.08 -7.74 2.92
N ILE B 150 18.86 -8.85 2.26
CA ILE B 150 17.84 -8.92 1.24
C ILE B 150 16.92 -10.07 1.71
N ASN B 151 15.64 -9.75 1.91
CA ASN B 151 14.75 -10.88 2.29
C ASN B 151 13.79 -11.26 1.17
N THR B 152 13.26 -12.50 1.28
CA THR B 152 12.26 -12.92 0.23
C THR B 152 10.91 -13.13 0.90
N ALA B 153 9.95 -12.23 0.48
CA ALA B 153 8.52 -12.36 0.86
C ALA B 153 7.71 -13.04 -0.22
N SER B 154 6.65 -12.45 -0.82
CA SER B 154 5.88 -13.08 -1.84
C SER B 154 4.70 -12.07 -2.09
N VAL B 155 4.22 -12.12 -3.32
CA VAL B 155 2.95 -11.45 -3.65
C VAL B 155 1.81 -12.00 -2.75
N ALA B 156 1.97 -13.21 -2.22
CA ALA B 156 1.00 -13.74 -1.24
C ALA B 156 1.01 -12.83 -0.03
N ALA B 157 1.94 -11.90 0.32
CA ALA B 157 1.74 -10.93 1.40
C ALA B 157 0.62 -9.88 1.10
N PHE B 158 0.31 -9.84 -0.17
CA PHE B 158 -0.66 -8.77 -0.57
C PHE B 158 -1.92 -9.31 -1.20
N GLU B 159 -1.92 -10.39 -1.97
CA GLU B 159 -3.04 -11.04 -2.56
C GLU B 159 -3.06 -12.56 -2.20
N GLY B 160 -2.95 -12.96 -0.96
CA GLY B 160 -2.96 -14.36 -0.52
C GLY B 160 -4.22 -15.07 -1.12
N GLN B 161 -3.98 -16.24 -1.67
CA GLN B 161 -5.11 -16.97 -2.28
C GLN B 161 -5.78 -17.90 -1.26
N VAL B 162 -6.95 -18.48 -1.67
CA VAL B 162 -7.50 -19.55 -0.82
C VAL B 162 -6.41 -20.61 -0.49
N GLY B 163 -6.30 -20.99 0.78
CA GLY B 163 -5.32 -21.98 1.26
C GLY B 163 -4.00 -21.41 1.70
N GLN B 164 -3.82 -20.03 1.57
CA GLN B 164 -2.54 -19.48 1.89
C GLN B 164 -2.46 -18.69 3.19
N ALA B 165 -3.38 -18.85 4.10
CA ALA B 165 -3.38 -18.10 5.27
C ALA B 165 -2.01 -18.28 6.00
N ALA B 166 -1.49 -19.51 6.17
CA ALA B 166 -0.21 -19.54 6.90
C ALA B 166 0.95 -18.86 6.12
N TYR B 167 1.08 -19.18 4.83
CA TYR B 167 2.17 -18.55 4.04
C TYR B 167 2.00 -16.99 3.99
N SER B 168 0.77 -16.52 3.76
CA SER B 168 0.63 -15.03 3.67
C SER B 168 0.98 -14.41 4.98
N ALA B 169 0.59 -14.98 6.11
CA ALA B 169 0.90 -14.46 7.44
C ALA B 169 2.42 -14.40 7.59
N SER B 170 3.14 -15.47 7.17
CA SER B 170 4.58 -15.35 7.31
C SER B 170 5.23 -14.35 6.35
N LYS B 171 4.72 -14.19 5.12
CA LYS B 171 5.35 -13.23 4.20
C LYS B 171 4.92 -11.83 4.50
N GLY B 172 3.74 -11.58 5.11
CA GLY B 172 3.27 -10.28 5.48
C GLY B 172 4.09 -9.89 6.73
N GLY B 173 4.49 -10.92 7.46
CA GLY B 173 5.37 -10.57 8.59
C GLY B 173 6.74 -10.09 8.12
N ILE B 174 7.26 -10.64 7.04
CA ILE B 174 8.53 -10.19 6.46
C ILE B 174 8.36 -8.75 5.99
N VAL B 175 7.25 -8.55 5.20
CA VAL B 175 7.09 -7.10 4.71
C VAL B 175 6.99 -6.18 5.85
N GLY B 176 6.15 -6.42 6.89
CA GLY B 176 5.96 -5.57 8.00
C GLY B 176 7.22 -5.16 8.77
N MET B 177 8.11 -6.13 8.94
CA MET B 177 9.32 -5.82 9.72
C MET B 177 10.41 -5.18 8.86
N THR B 178 10.36 -5.01 7.59
CA THR B 178 11.39 -4.54 6.70
C THR B 178 11.76 -3.11 7.13
N LEU B 179 10.79 -2.28 7.26
CA LEU B 179 11.10 -0.84 7.60
C LEU B 179 11.61 -0.70 9.03
N PRO B 180 11.09 -1.25 10.09
CA PRO B 180 11.70 -1.08 11.41
C PRO B 180 13.10 -1.67 11.47
N ILE B 181 13.40 -2.77 10.75
CA ILE B 181 14.80 -3.23 10.89
C ILE B 181 15.67 -2.32 10.07
N ALA B 182 15.20 -1.80 8.92
CA ALA B 182 16.10 -0.84 8.27
C ALA B 182 16.29 0.42 9.12
N ARG B 183 15.31 0.86 9.89
CA ARG B 183 15.39 1.97 10.80
C ARG B 183 16.43 1.65 11.91
N ASP B 184 16.30 0.44 12.45
CA ASP B 184 17.19 -0.04 13.56
C ASP B 184 18.62 -0.02 13.09
N LEU B 185 18.88 -0.47 11.83
CA LEU B 185 20.24 -0.72 11.40
C LEU B 185 20.90 0.49 10.74
N ALA B 186 20.12 1.54 10.56
CA ALA B 186 20.58 2.77 9.88
C ALA B 186 21.85 3.37 10.46
N PRO B 187 21.96 3.41 11.80
CA PRO B 187 23.16 3.97 12.43
C PRO B 187 24.38 3.14 12.15
N ILE B 188 24.39 1.91 11.70
CA ILE B 188 25.60 1.14 11.43
C ILE B 188 25.59 0.82 9.93
N GLY B 189 24.78 1.50 9.14
CA GLY B 189 25.02 1.37 7.71
C GLY B 189 24.70 0.07 7.01
N ILE B 190 23.61 -0.54 7.50
CA ILE B 190 23.16 -1.82 6.86
C ILE B 190 21.80 -1.49 6.21
N ARG B 191 21.77 -1.70 4.88
CA ARG B 191 20.47 -1.55 4.20
C ARG B 191 19.64 -2.84 4.28
N VAL B 192 18.29 -2.66 4.28
CA VAL B 192 17.44 -3.84 4.43
C VAL B 192 16.32 -3.78 3.39
N VAL B 193 16.24 -4.67 2.44
CA VAL B 193 15.30 -4.59 1.29
C VAL B 193 14.68 -5.97 1.12
N THR B 194 13.36 -5.94 0.73
CA THR B 194 12.72 -7.29 0.56
C THR B 194 12.21 -7.42 -0.88
N ILE B 195 12.35 -8.65 -1.42
CA ILE B 195 11.76 -8.86 -2.80
C ILE B 195 10.51 -9.72 -2.60
N ALA B 196 9.40 -9.45 -3.33
CA ALA B 196 8.18 -10.23 -3.23
C ALA B 196 8.02 -10.82 -4.66
N PRO B 197 8.44 -12.07 -4.82
CA PRO B 197 8.34 -12.69 -6.16
C PRO B 197 6.92 -13.02 -6.45
N GLY B 198 6.48 -13.22 -7.72
CA GLY B 198 5.16 -13.74 -8.00
C GLY B 198 5.23 -15.26 -8.15
N LEU B 199 5.23 -15.83 -9.30
CA LEU B 199 5.34 -17.29 -9.39
C LEU B 199 6.61 -17.60 -10.22
N PHE B 200 7.52 -18.41 -9.66
CA PHE B 200 8.80 -18.75 -10.27
C PHE B 200 9.03 -20.30 -10.39
N ALA B 201 9.53 -20.62 -11.61
CA ALA B 201 9.79 -22.08 -11.86
C ALA B 201 10.93 -22.63 -11.00
N THR B 202 10.58 -23.11 -9.78
CA THR B 202 11.48 -23.79 -8.89
C THR B 202 10.82 -25.07 -8.38
N PRO B 203 11.55 -25.83 -7.60
CA PRO B 203 10.97 -27.03 -6.95
C PRO B 203 9.83 -26.71 -6.01
N LEU B 204 9.58 -25.46 -5.56
CA LEU B 204 8.40 -25.16 -4.80
C LEU B 204 7.17 -25.22 -5.74
N LEU B 205 7.23 -25.09 -7.02
CA LEU B 205 6.22 -24.97 -8.04
C LEU B 205 6.22 -26.02 -9.16
N THR B 206 7.34 -26.20 -9.88
CA THR B 206 7.56 -27.15 -10.94
C THR B 206 7.15 -28.62 -10.79
N PHE B 215 -1.71 -23.53 -15.42
CA PHE B 215 -2.44 -22.35 -15.87
C PHE B 215 -2.01 -21.17 -15.01
N LEU B 216 -1.10 -21.46 -14.06
CA LEU B 216 -0.53 -20.41 -13.21
C LEU B 216 0.27 -19.45 -14.12
N ALA B 217 1.18 -20.04 -14.88
CA ALA B 217 1.90 -19.27 -15.88
C ALA B 217 0.95 -18.40 -16.67
N SER B 218 -0.17 -18.89 -17.20
CA SER B 218 -1.01 -18.14 -18.13
C SER B 218 -1.65 -16.84 -17.65
N GLN B 219 -1.85 -16.66 -16.34
CA GLN B 219 -2.42 -15.46 -15.76
C GLN B 219 -1.51 -14.23 -15.68
N VAL B 220 -0.23 -14.33 -15.89
CA VAL B 220 0.77 -13.27 -15.75
C VAL B 220 0.68 -12.44 -17.00
N PRO B 221 0.41 -11.16 -16.93
CA PRO B 221 0.22 -10.34 -18.11
C PRO B 221 1.39 -10.50 -19.05
N PHE B 222 2.63 -10.20 -18.67
CA PHE B 222 3.72 -10.21 -19.61
C PHE B 222 5.04 -10.05 -18.73
N PRO B 223 6.02 -10.83 -19.03
CA PRO B 223 5.89 -11.97 -19.96
C PRO B 223 5.00 -13.05 -19.40
N SER B 224 4.18 -13.73 -20.24
CA SER B 224 3.18 -14.67 -19.73
C SER B 224 3.69 -16.07 -19.44
N ARG B 225 4.39 -16.17 -18.30
CA ARG B 225 5.07 -17.40 -17.94
C ARG B 225 5.57 -17.37 -16.51
N LEU B 226 5.99 -18.53 -16.01
CA LEU B 226 6.64 -18.49 -14.63
C LEU B 226 7.88 -17.65 -14.76
N GLY B 227 8.29 -17.05 -13.63
CA GLY B 227 9.52 -16.28 -13.67
C GLY B 227 10.72 -17.26 -13.76
N ASP B 228 11.86 -16.77 -14.21
CA ASP B 228 13.06 -17.60 -14.25
C ASP B 228 13.89 -17.23 -13.05
N PRO B 229 14.34 -18.18 -12.27
CA PRO B 229 15.16 -17.86 -11.07
C PRO B 229 16.33 -16.91 -11.37
N ALA B 230 16.90 -16.88 -12.60
CA ALA B 230 17.96 -15.96 -12.92
C ALA B 230 17.50 -14.47 -12.91
N GLU B 231 16.19 -14.25 -13.12
CA GLU B 231 15.70 -12.85 -13.05
C GLU B 231 15.63 -12.39 -11.60
N TYR B 232 15.31 -13.33 -10.67
CA TYR B 232 15.33 -12.96 -9.23
C TYR B 232 16.76 -12.66 -8.86
N ALA B 233 17.74 -13.55 -9.37
CA ALA B 233 19.14 -13.33 -9.08
C ALA B 233 19.61 -11.95 -9.59
N HIS B 234 19.19 -11.51 -10.77
CA HIS B 234 19.53 -10.23 -11.32
C HIS B 234 18.97 -9.09 -10.44
N LEU B 235 17.78 -9.29 -9.95
CA LEU B 235 17.19 -8.14 -9.11
C LEU B 235 17.97 -8.09 -7.80
N VAL B 236 18.40 -9.20 -7.16
CA VAL B 236 19.27 -9.24 -6.00
C VAL B 236 20.59 -8.49 -6.22
N GLN B 237 21.19 -8.71 -7.45
CA GLN B 237 22.45 -7.99 -7.67
C GLN B 237 22.19 -6.48 -7.72
N MET B 238 21.08 -6.12 -8.38
CA MET B 238 20.82 -4.65 -8.45
C MET B 238 20.56 -4.04 -7.13
N VAL B 239 19.90 -4.81 -6.21
CA VAL B 239 19.69 -4.22 -4.87
C VAL B 239 21.03 -4.17 -4.13
N ILE B 240 21.90 -5.14 -4.32
CA ILE B 240 23.22 -5.01 -3.63
C ILE B 240 23.96 -3.79 -4.18
N GLU B 241 23.91 -3.51 -5.54
CA GLU B 241 24.67 -2.41 -6.08
C GLU B 241 24.09 -1.02 -5.78
N ASN B 242 22.76 -0.86 -5.62
CA ASN B 242 22.23 0.54 -5.54
C ASN B 242 22.28 1.05 -4.15
N PRO B 243 23.08 2.06 -3.81
CA PRO B 243 23.19 2.48 -2.42
C PRO B 243 21.98 3.14 -1.83
N PHE B 244 21.00 3.61 -2.65
CA PHE B 244 19.90 4.37 -2.04
C PHE B 244 18.64 3.53 -1.86
N LEU B 245 18.66 2.27 -2.22
CA LEU B 245 17.42 1.41 -2.00
C LEU B 245 17.41 0.89 -0.58
N ASN B 246 16.35 1.15 0.18
CA ASN B 246 16.42 0.80 1.66
C ASN B 246 15.02 0.93 2.18
N GLY B 247 14.63 -0.14 2.95
CA GLY B 247 13.37 -0.01 3.69
C GLY B 247 12.17 -0.24 2.73
N GLU B 248 12.36 -0.96 1.64
CA GLU B 248 11.34 -1.04 0.56
C GLU B 248 11.12 -2.56 0.22
N VAL B 249 9.93 -2.84 -0.30
CA VAL B 249 9.59 -4.16 -0.86
C VAL B 249 9.33 -4.01 -2.35
N ILE B 250 9.95 -4.88 -3.18
CA ILE B 250 9.78 -4.75 -4.64
C ILE B 250 9.06 -6.04 -5.09
N ARG B 251 7.95 -5.93 -5.87
CA ARG B 251 7.30 -7.05 -6.48
C ARG B 251 8.02 -7.41 -7.84
N LEU B 252 8.30 -8.68 -8.05
CA LEU B 252 9.01 -9.15 -9.26
C LEU B 252 8.02 -10.23 -9.68
N ASP B 253 7.10 -9.89 -10.63
CA ASP B 253 5.97 -10.79 -10.89
C ASP B 253 5.27 -10.72 -12.24
N GLY B 254 5.91 -10.07 -13.16
CA GLY B 254 5.30 -9.95 -14.53
C GLY B 254 3.97 -9.17 -14.60
N ALA B 255 3.57 -8.50 -13.47
CA ALA B 255 2.35 -7.69 -13.34
C ALA B 255 1.16 -8.56 -12.94
N ILE B 256 1.43 -9.72 -12.46
CA ILE B 256 0.30 -10.61 -11.96
C ILE B 256 -0.36 -9.99 -10.74
N ARG B 257 -1.71 -10.21 -10.61
CA ARG B 257 -2.37 -9.88 -9.34
C ARG B 257 -3.14 -11.19 -9.02
N MET B 258 -2.95 -11.72 -7.82
CA MET B 258 -3.56 -13.02 -7.61
C MET B 258 -5.03 -13.05 -7.31
N GLN B 259 -5.76 -13.97 -7.94
CA GLN B 259 -7.16 -14.26 -7.62
C GLN B 259 -7.22 -15.42 -6.62
N PRO B 260 -8.50 -15.46 -6.04
CA PRO B 260 -8.70 -16.47 -4.98
C PRO B 260 -8.34 -17.89 -5.49
N SER C 6 -24.21 10.69 16.09
CA SER C 6 -25.32 10.94 15.08
C SER C 6 -25.03 12.06 14.10
N VAL C 7 -25.89 12.24 13.07
CA VAL C 7 -25.62 13.32 12.10
C VAL C 7 -26.78 14.31 12.11
N LYS C 8 -27.64 14.25 13.16
CA LYS C 8 -28.81 15.07 13.12
C LYS C 8 -28.43 16.55 13.20
N GLY C 9 -28.99 17.35 12.30
CA GLY C 9 -28.67 18.79 12.20
C GLY C 9 -27.43 19.13 11.38
N LEU C 10 -26.62 18.12 10.95
CA LEU C 10 -25.39 18.53 10.13
C LEU C 10 -25.87 18.90 8.74
N VAL C 11 -25.16 19.77 8.04
CA VAL C 11 -25.54 20.15 6.66
C VAL C 11 -24.46 19.52 5.72
N ALA C 12 -24.91 18.65 4.82
CA ALA C 12 -23.93 18.01 3.90
C ALA C 12 -24.19 18.37 2.44
N VAL C 13 -23.10 18.83 1.81
CA VAL C 13 -23.20 19.06 0.28
C VAL C 13 -22.70 17.78 -0.40
N ILE C 14 -23.51 17.15 -1.26
CA ILE C 14 -23.14 15.82 -1.78
C ILE C 14 -23.02 16.02 -3.33
N THR C 15 -21.84 15.95 -3.83
CA THR C 15 -21.73 16.04 -5.36
C THR C 15 -22.07 14.77 -6.01
N GLY C 16 -22.74 14.80 -7.20
CA GLY C 16 -23.20 13.49 -7.78
C GLY C 16 -24.44 13.06 -7.07
N GLY C 17 -25.04 13.99 -6.34
CA GLY C 17 -26.20 13.66 -5.49
C GLY C 17 -27.53 13.35 -6.15
N ALA C 18 -27.60 13.50 -7.53
CA ALA C 18 -28.88 13.17 -8.15
C ALA C 18 -29.05 11.73 -8.45
N SER C 19 -28.02 10.85 -8.31
CA SER C 19 -28.09 9.46 -8.71
C SER C 19 -27.11 8.58 -7.87
N GLY C 20 -27.34 7.25 -7.97
CA GLY C 20 -26.31 6.33 -7.49
C GLY C 20 -25.83 6.55 -6.04
N LEU C 21 -24.50 6.61 -5.86
CA LEU C 21 -23.98 6.62 -4.47
C LEU C 21 -24.22 7.92 -3.76
N GLY C 22 -24.16 8.99 -4.57
CA GLY C 22 -24.43 10.31 -3.93
C GLY C 22 -25.94 10.38 -3.54
N LEU C 23 -26.81 9.92 -4.39
CA LEU C 23 -28.24 9.99 -4.01
C LEU C 23 -28.59 9.11 -2.82
N SER C 24 -27.96 7.92 -2.72
CA SER C 24 -28.34 6.99 -1.60
C SER C 24 -27.76 7.59 -0.36
N THR C 25 -26.58 8.22 -0.44
CA THR C 25 -26.03 8.92 0.72
C THR C 25 -27.02 9.99 1.26
N ALA C 26 -27.48 10.77 0.27
CA ALA C 26 -28.45 11.84 0.62
C ALA C 26 -29.68 11.19 1.27
N LYS C 27 -30.24 10.08 0.71
CA LYS C 27 -31.42 9.50 1.37
C LYS C 27 -31.13 9.08 2.80
N ARG C 28 -29.90 8.52 3.05
CA ARG C 28 -29.65 8.04 4.41
C ARG C 28 -29.45 9.18 5.33
N LEU C 29 -28.67 10.22 4.93
CA LEU C 29 -28.46 11.30 5.91
C LEU C 29 -29.74 12.10 6.20
N VAL C 30 -30.48 12.41 5.17
CA VAL C 30 -31.82 13.14 5.52
C VAL C 30 -32.66 12.26 6.38
N GLY C 31 -32.74 10.94 6.15
CA GLY C 31 -33.50 10.09 7.00
C GLY C 31 -32.98 10.01 8.43
N GLN C 32 -31.70 10.28 8.72
CA GLN C 32 -31.11 10.42 10.01
C GLN C 32 -31.11 11.80 10.64
N GLY C 33 -31.77 12.76 9.87
CA GLY C 33 -31.96 14.11 10.52
C GLY C 33 -31.08 15.16 10.07
N ALA C 34 -30.24 14.84 8.98
CA ALA C 34 -29.32 15.94 8.50
C ALA C 34 -30.00 16.66 7.31
N THR C 35 -29.29 17.71 6.89
CA THR C 35 -29.81 18.43 5.69
C THR C 35 -28.80 18.21 4.54
N ALA C 36 -29.36 18.08 3.35
CA ALA C 36 -28.43 17.66 2.26
C ALA C 36 -28.71 18.57 1.05
N VAL C 37 -27.62 19.09 0.47
CA VAL C 37 -27.70 19.82 -0.78
C VAL C 37 -27.25 18.83 -1.86
N LEU C 38 -27.96 18.59 -2.94
CA LEU C 38 -27.49 17.69 -4.00
C LEU C 38 -26.86 18.60 -5.03
N LEU C 39 -25.54 18.54 -5.22
CA LEU C 39 -24.83 19.37 -6.22
C LEU C 39 -24.68 18.38 -7.43
N ASP C 40 -25.30 18.76 -8.58
CA ASP C 40 -25.26 17.87 -9.69
C ASP C 40 -25.58 18.77 -11.00
N VAL C 41 -25.30 18.22 -12.15
CA VAL C 41 -25.45 19.08 -13.33
C VAL C 41 -26.94 19.35 -13.58
N PRO C 42 -27.17 20.49 -14.24
CA PRO C 42 -28.60 20.94 -14.50
C PRO C 42 -29.43 19.91 -15.24
N ASN C 43 -28.91 19.12 -16.17
CA ASN C 43 -29.57 18.09 -16.98
C ASN C 43 -29.91 16.89 -16.10
N SER C 44 -29.50 16.91 -14.81
CA SER C 44 -29.77 15.68 -14.09
C SER C 44 -31.18 15.75 -13.44
N GLU C 45 -31.50 14.75 -12.66
CA GLU C 45 -32.79 14.77 -12.01
C GLU C 45 -32.68 15.23 -10.56
N GLY C 46 -31.65 16.01 -10.30
CA GLY C 46 -31.44 16.46 -8.90
C GLY C 46 -32.70 17.12 -8.26
N GLU C 47 -33.32 18.02 -9.08
CA GLU C 47 -34.43 18.83 -8.53
C GLU C 47 -35.56 17.95 -8.05
N THR C 48 -35.88 16.98 -8.90
CA THR C 48 -36.98 16.11 -8.43
C THR C 48 -36.59 15.24 -7.26
N GLU C 49 -35.36 14.69 -7.33
CA GLU C 49 -34.97 13.86 -6.17
C GLU C 49 -34.96 14.72 -4.94
N ALA C 50 -34.48 16.00 -4.96
CA ALA C 50 -34.50 16.82 -3.78
C ALA C 50 -35.93 17.02 -3.25
N LYS C 51 -36.85 17.27 -4.21
CA LYS C 51 -38.28 17.44 -3.78
C LYS C 51 -38.75 16.22 -3.07
N LYS C 52 -38.58 15.03 -3.66
CA LYS C 52 -39.03 13.76 -3.01
C LYS C 52 -38.45 13.62 -1.59
N LEU C 53 -37.20 14.04 -1.30
CA LEU C 53 -36.69 14.08 0.06
C LEU C 53 -37.07 15.25 0.95
N GLY C 54 -38.00 16.12 0.66
CA GLY C 54 -38.55 17.12 1.54
C GLY C 54 -37.80 18.41 1.60
N GLY C 55 -38.18 19.23 2.60
CA GLY C 55 -37.60 20.57 2.74
C GLY C 55 -36.17 20.62 3.31
N ASN C 56 -35.71 19.46 3.83
CA ASN C 56 -34.32 19.56 4.34
C ASN C 56 -33.28 19.12 3.24
N CYS C 57 -33.77 18.97 1.97
CA CYS C 57 -32.85 18.53 0.91
C CYS C 57 -33.14 19.37 -0.36
N ILE C 58 -32.19 20.22 -0.75
CA ILE C 58 -32.39 21.06 -1.97
C ILE C 58 -31.34 20.62 -3.02
N PHE C 59 -31.64 21.05 -4.26
CA PHE C 59 -30.72 20.92 -5.39
C PHE C 59 -30.05 22.21 -5.72
N ALA C 60 -28.72 22.17 -5.88
CA ALA C 60 -27.82 23.27 -6.36
C ALA C 60 -27.24 22.80 -7.65
N PRO C 61 -27.75 23.24 -8.83
CA PRO C 61 -27.21 22.88 -10.07
C PRO C 61 -25.84 23.49 -10.27
N ALA C 62 -24.90 22.55 -10.59
CA ALA C 62 -23.50 23.02 -10.87
C ALA C 62 -22.64 21.94 -11.47
N ASN C 63 -21.69 22.33 -12.31
CA ASN C 63 -20.67 21.37 -12.81
C ASN C 63 -19.46 21.47 -11.91
N VAL C 64 -18.99 20.30 -11.31
CA VAL C 64 -17.81 20.51 -10.42
C VAL C 64 -16.50 20.93 -11.05
N THR C 65 -16.39 21.04 -12.34
CA THR C 65 -15.11 21.47 -13.02
C THR C 65 -15.15 23.01 -13.16
N SER C 66 -16.29 23.56 -12.70
CA SER C 66 -16.40 25.07 -12.77
C SER C 66 -16.21 25.74 -11.45
N GLU C 67 -15.30 26.63 -11.28
CA GLU C 67 -15.19 27.40 -10.07
C GLU C 67 -16.46 28.24 -9.80
N LYS C 68 -16.94 28.98 -10.85
CA LYS C 68 -18.09 29.84 -10.51
C LYS C 68 -19.34 29.09 -10.14
N GLU C 69 -19.55 27.91 -10.77
CA GLU C 69 -20.78 27.20 -10.41
C GLU C 69 -20.74 26.62 -9.02
N VAL C 70 -19.48 26.02 -8.72
CA VAL C 70 -19.42 25.35 -7.41
C VAL C 70 -19.41 26.45 -6.34
N GLN C 71 -18.77 27.62 -6.61
CA GLN C 71 -18.87 28.67 -5.64
C GLN C 71 -20.36 29.17 -5.51
N ALA C 72 -21.15 29.10 -6.53
CA ALA C 72 -22.53 29.55 -6.38
C ALA C 72 -23.32 28.53 -5.56
N ALA C 73 -23.07 27.20 -5.73
CA ALA C 73 -23.74 26.13 -5.07
C ALA C 73 -23.44 26.14 -3.60
N LEU C 74 -22.19 26.41 -3.21
CA LEU C 74 -21.87 26.45 -1.76
C LEU C 74 -22.47 27.71 -1.12
N THR C 75 -22.54 28.78 -1.94
CA THR C 75 -23.13 30.04 -1.44
C THR C 75 -24.63 29.81 -1.14
N LEU C 76 -25.28 29.13 -2.05
CA LEU C 76 -26.66 28.73 -1.84
C LEU C 76 -26.78 27.88 -0.61
N ALA C 77 -25.88 26.84 -0.49
CA ALA C 77 -26.08 25.98 0.71
C ALA C 77 -25.94 26.76 1.99
N LYS C 78 -24.98 27.69 2.10
CA LYS C 78 -24.69 28.42 3.32
C LYS C 78 -25.79 29.43 3.59
N GLU C 79 -26.34 29.95 2.47
CA GLU C 79 -27.41 30.94 2.64
C GLU C 79 -28.68 30.27 3.13
N LYS C 80 -29.08 29.14 2.59
CA LYS C 80 -30.24 28.42 2.99
C LYS C 80 -30.10 27.90 4.41
N PHE C 81 -29.00 27.16 4.66
CA PHE C 81 -28.94 26.30 5.87
C PHE C 81 -27.99 26.89 6.88
N GLY C 82 -27.28 27.95 6.63
CA GLY C 82 -26.36 28.70 7.42
C GLY C 82 -24.92 28.34 7.61
N ARG C 83 -24.54 27.12 7.16
CA ARG C 83 -23.15 26.61 7.37
C ARG C 83 -23.03 25.41 6.41
N ILE C 84 -21.86 24.79 6.42
CA ILE C 84 -21.63 23.50 5.76
C ILE C 84 -20.73 22.71 6.72
N ASP C 85 -21.26 21.50 7.06
CA ASP C 85 -20.49 20.64 7.98
C ASP C 85 -19.79 19.49 7.28
N VAL C 86 -20.30 19.07 6.14
CA VAL C 86 -19.91 17.75 5.54
C VAL C 86 -19.88 18.01 4.05
N ALA C 87 -18.88 17.52 3.34
CA ALA C 87 -19.01 17.41 1.89
C ALA C 87 -18.72 15.97 1.43
N VAL C 88 -19.41 15.57 0.42
CA VAL C 88 -19.16 14.16 -0.01
C VAL C 88 -18.92 14.35 -1.52
N ASN C 89 -17.76 13.94 -1.96
CA ASN C 89 -17.58 13.98 -3.48
C ASN C 89 -17.95 12.67 -4.18
N CYS C 90 -19.07 12.59 -4.83
CA CYS C 90 -19.41 11.34 -5.60
C CYS C 90 -19.53 11.72 -7.11
N ALA C 91 -19.44 13.05 -7.51
CA ALA C 91 -19.52 13.24 -8.99
C ALA C 91 -18.38 12.49 -9.70
N GLY C 92 -18.68 11.88 -10.84
CA GLY C 92 -17.60 11.16 -11.55
C GLY C 92 -18.17 10.55 -12.81
N ILE C 93 -17.30 10.31 -13.80
CA ILE C 93 -17.63 9.61 -15.01
C ILE C 93 -16.58 8.48 -15.25
N ALA C 94 -16.85 7.68 -16.27
CA ALA C 94 -15.86 6.62 -16.55
C ALA C 94 -15.77 6.37 -18.04
N VAL C 95 -14.62 5.91 -18.53
CA VAL C 95 -14.51 5.46 -19.91
C VAL C 95 -13.72 4.13 -19.86
N ALA C 96 -13.84 3.34 -20.95
CA ALA C 96 -13.16 2.07 -21.08
C ALA C 96 -12.43 2.11 -22.45
N ILE C 97 -11.22 2.68 -22.45
CA ILE C 97 -10.46 2.81 -23.72
C ILE C 97 -8.97 2.42 -23.43
N LYS C 98 -8.47 1.54 -24.30
CA LYS C 98 -7.08 1.08 -24.05
C LYS C 98 -6.14 2.25 -24.40
N THR C 99 -4.94 2.10 -23.78
CA THR C 99 -3.87 3.07 -24.03
C THR C 99 -3.53 3.00 -25.54
N TYR C 100 -3.43 1.82 -26.02
CA TYR C 100 -3.13 1.66 -27.52
C TYR C 100 -3.76 0.31 -27.76
N HIS C 101 -4.63 0.23 -28.80
CA HIS C 101 -5.26 -0.99 -29.23
C HIS C 101 -4.61 -1.49 -30.57
N GLU C 102 -3.80 -2.55 -30.52
CA GLU C 102 -3.00 -2.91 -31.70
C GLU C 102 -3.85 -2.99 -32.96
N LYS C 103 -4.70 -4.02 -32.93
CA LYS C 103 -5.55 -4.33 -34.07
C LYS C 103 -5.97 -3.14 -34.91
N LYS C 104 -6.69 -2.22 -34.24
CA LYS C 104 -7.21 -1.03 -34.84
C LYS C 104 -6.18 0.05 -34.97
N ASN C 105 -4.99 -0.23 -34.40
CA ASN C 105 -3.91 0.75 -34.44
C ASN C 105 -4.52 2.06 -34.01
N GLN C 106 -5.16 2.06 -32.81
CA GLN C 106 -5.83 3.28 -32.34
C GLN C 106 -5.25 3.70 -30.94
N VAL C 107 -4.67 4.88 -30.97
CA VAL C 107 -4.13 5.31 -29.65
C VAL C 107 -5.32 5.89 -28.89
N HIS C 108 -5.30 5.80 -27.50
CA HIS C 108 -6.26 6.51 -26.70
C HIS C 108 -6.09 7.96 -26.96
N THR C 109 -7.21 8.74 -27.16
CA THR C 109 -6.97 10.17 -27.38
C THR C 109 -6.61 10.95 -26.14
N LEU C 110 -5.92 12.06 -26.33
CA LEU C 110 -5.57 12.91 -25.18
C LEU C 110 -6.84 13.47 -24.59
N GLU C 111 -7.79 13.98 -25.48
CA GLU C 111 -8.98 14.60 -24.92
C GLU C 111 -9.85 13.71 -24.15
N ASP C 112 -9.97 12.42 -24.35
CA ASP C 112 -10.77 11.52 -23.55
C ASP C 112 -10.09 11.28 -22.20
N PHE C 113 -8.73 11.17 -22.28
CA PHE C 113 -8.09 11.16 -20.87
C PHE C 113 -8.29 12.44 -20.14
N GLN C 114 -8.10 13.62 -20.70
CA GLN C 114 -8.25 14.92 -20.08
C GLN C 114 -9.63 15.04 -19.47
N ARG C 115 -10.65 14.60 -20.22
CA ARG C 115 -11.99 14.78 -19.71
C ARG C 115 -12.28 13.98 -18.39
N VAL C 116 -11.72 12.82 -18.28
CA VAL C 116 -11.99 11.98 -17.11
C VAL C 116 -11.15 12.55 -15.97
N ILE C 117 -9.93 12.97 -16.27
CA ILE C 117 -9.15 13.64 -15.17
C ILE C 117 -9.85 14.89 -14.64
N ASN C 118 -10.42 15.74 -15.53
CA ASN C 118 -11.01 16.99 -15.27
C ASN C 118 -12.29 16.83 -14.36
N VAL C 119 -13.10 15.84 -14.68
CA VAL C 119 -14.35 15.69 -13.88
C VAL C 119 -13.95 15.04 -12.51
N ASN C 120 -13.28 13.90 -12.58
CA ASN C 120 -13.07 13.09 -11.34
C ASN C 120 -12.06 13.73 -10.39
N LEU C 121 -10.88 14.09 -10.94
CA LEU C 121 -9.82 14.49 -9.93
C LEU C 121 -9.84 16.02 -9.86
N ILE C 122 -9.76 16.78 -10.98
CA ILE C 122 -9.74 18.29 -10.80
C ILE C 122 -11.16 18.76 -10.30
N GLY C 123 -12.30 18.07 -10.60
CA GLY C 123 -13.60 18.46 -10.01
C GLY C 123 -13.70 18.16 -8.49
N THR C 124 -13.09 17.04 -8.10
CA THR C 124 -13.09 16.77 -6.60
C THR C 124 -12.20 17.81 -5.94
N PHE C 125 -10.96 18.16 -6.35
CA PHE C 125 -10.16 19.14 -5.74
C PHE C 125 -10.80 20.60 -5.79
N ASN C 126 -11.59 20.81 -6.84
CA ASN C 126 -12.26 22.13 -6.86
C ASN C 126 -13.25 22.24 -5.72
N VAL C 127 -14.01 21.24 -5.42
CA VAL C 127 -15.06 21.24 -4.35
C VAL C 127 -14.32 21.37 -3.05
N ILE C 128 -13.27 20.54 -2.85
CA ILE C 128 -12.55 20.49 -1.58
C ILE C 128 -11.99 21.90 -1.23
N ARG C 129 -11.35 22.46 -2.24
CA ARG C 129 -10.65 23.73 -1.92
C ARG C 129 -11.67 24.76 -1.55
N LEU C 130 -12.84 24.80 -2.23
CA LEU C 130 -13.85 25.86 -1.98
C LEU C 130 -14.71 25.55 -0.75
N VAL C 131 -14.93 24.31 -0.34
CA VAL C 131 -15.74 24.06 0.85
C VAL C 131 -14.85 24.20 2.04
N ALA C 132 -13.48 24.01 1.86
CA ALA C 132 -12.70 24.09 3.08
C ALA C 132 -12.77 25.47 3.77
N GLY C 133 -12.78 26.50 2.92
CA GLY C 133 -12.88 27.89 3.48
C GLY C 133 -14.25 28.12 4.14
N VAL C 134 -15.30 27.52 3.61
CA VAL C 134 -16.65 27.60 4.23
C VAL C 134 -16.73 26.85 5.54
N MET C 135 -16.14 25.68 5.66
CA MET C 135 -16.21 24.90 6.91
C MET C 135 -15.27 25.59 7.88
N GLY C 136 -14.28 26.34 7.35
CA GLY C 136 -13.38 27.03 8.28
C GLY C 136 -14.08 28.13 9.12
N GLN C 137 -15.15 28.60 8.60
CA GLN C 137 -15.97 29.61 9.37
C GLN C 137 -16.64 28.99 10.55
N ASN C 138 -16.88 27.68 10.65
CA ASN C 138 -17.58 27.13 11.78
C ASN C 138 -16.86 27.16 13.12
N GLU C 139 -17.67 27.44 14.17
CA GLU C 139 -17.00 27.36 15.49
C GLU C 139 -16.63 25.88 15.65
N PRO C 140 -15.47 25.58 16.15
CA PRO C 140 -15.06 24.23 16.43
C PRO C 140 -15.92 23.61 17.50
N ASP C 141 -16.19 22.27 17.31
CA ASP C 141 -16.98 21.63 18.32
C ASP C 141 -16.10 21.38 19.55
N GLN C 142 -16.56 20.51 20.44
CA GLN C 142 -15.99 20.19 21.71
C GLN C 142 -14.67 19.42 21.56
N GLY C 143 -14.56 18.79 20.36
CA GLY C 143 -13.25 18.19 20.07
C GLY C 143 -12.47 18.86 19.01
N GLY C 144 -12.69 20.14 18.70
CA GLY C 144 -11.89 20.93 17.79
C GLY C 144 -12.28 20.70 16.32
N GLN C 145 -13.36 19.93 16.06
CA GLN C 145 -13.66 19.74 14.62
C GLN C 145 -14.61 20.74 13.98
N ARG C 146 -14.24 21.11 12.71
CA ARG C 146 -14.98 22.13 12.01
C ARG C 146 -15.71 21.47 10.83
N GLY C 147 -15.18 20.32 10.34
CA GLY C 147 -15.92 19.74 9.14
C GLY C 147 -15.35 18.33 8.85
N VAL C 148 -15.98 17.63 7.84
CA VAL C 148 -15.50 16.31 7.40
C VAL C 148 -15.68 16.43 5.87
N ILE C 149 -14.59 16.00 5.17
CA ILE C 149 -14.70 15.92 3.68
C ILE C 149 -14.46 14.46 3.29
N ILE C 150 -15.42 13.85 2.55
CA ILE C 150 -15.33 12.41 2.19
C ILE C 150 -15.25 12.35 0.61
N ASN C 151 -14.18 11.68 0.17
CA ASN C 151 -14.11 11.58 -1.33
C ASN C 151 -14.37 10.17 -1.77
N THR C 152 -14.80 10.04 -3.10
CA THR C 152 -14.96 8.69 -3.65
C THR C 152 -13.89 8.42 -4.70
N ALA C 153 -13.02 7.44 -4.40
CA ALA C 153 -12.04 6.92 -5.36
C ALA C 153 -12.58 5.67 -6.07
N SER C 154 -11.88 4.58 -5.97
CA SER C 154 -12.30 3.27 -6.60
C SER C 154 -11.23 2.24 -6.37
N VAL C 155 -11.51 0.95 -6.37
CA VAL C 155 -10.49 -0.04 -6.30
C VAL C 155 -9.64 0.02 -7.55
N ALA C 156 -10.19 0.70 -8.61
CA ALA C 156 -9.35 0.94 -9.85
C ALA C 156 -8.09 1.77 -9.62
N ALA C 157 -8.00 2.42 -8.41
CA ALA C 157 -6.79 3.16 -8.07
C ALA C 157 -5.64 2.18 -7.69
N PHE C 158 -6.08 0.92 -7.48
CA PHE C 158 -5.05 -0.08 -7.01
C PHE C 158 -5.01 -1.19 -8.05
N GLU C 159 -6.15 -1.63 -8.63
CA GLU C 159 -6.05 -2.76 -9.55
C GLU C 159 -6.78 -2.37 -10.89
N GLY C 160 -6.42 -1.29 -11.49
CA GLY C 160 -7.04 -0.78 -12.68
C GLY C 160 -6.96 -1.81 -13.84
N GLN C 161 -8.14 -2.05 -14.37
CA GLN C 161 -8.26 -3.07 -15.47
C GLN C 161 -7.80 -2.49 -16.80
N VAL C 162 -7.80 -3.45 -17.82
CA VAL C 162 -7.53 -3.14 -19.23
C VAL C 162 -8.60 -2.15 -19.63
N GLY C 163 -8.23 -0.95 -20.12
CA GLY C 163 -9.17 0.07 -20.57
C GLY C 163 -9.42 1.19 -19.57
N GLN C 164 -8.85 0.93 -18.37
CA GLN C 164 -9.05 1.94 -17.31
C GLN C 164 -7.92 2.90 -17.02
N ALA C 165 -6.93 3.09 -17.95
CA ALA C 165 -5.88 4.03 -17.57
C ALA C 165 -6.34 5.42 -17.16
N ALA C 166 -7.36 6.03 -17.88
CA ALA C 166 -7.80 7.34 -17.48
C ALA C 166 -8.55 7.37 -16.09
N TYR C 167 -9.42 6.37 -15.98
CA TYR C 167 -10.22 6.31 -14.70
C TYR C 167 -9.25 6.01 -13.55
N SER C 168 -8.31 5.11 -13.81
CA SER C 168 -7.35 4.82 -12.71
C SER C 168 -6.49 5.93 -12.26
N ALA C 169 -6.04 6.71 -13.30
CA ALA C 169 -5.18 7.83 -13.11
C ALA C 169 -5.99 8.77 -12.23
N SER C 170 -7.28 9.01 -12.60
CA SER C 170 -8.04 10.01 -11.88
C SER C 170 -8.26 9.56 -10.38
N LYS C 171 -8.63 8.27 -10.18
CA LYS C 171 -8.90 7.83 -8.79
C LYS C 171 -7.63 7.61 -7.99
N GLY C 172 -6.50 7.32 -8.56
CA GLY C 172 -5.20 7.23 -7.86
C GLY C 172 -4.75 8.65 -7.49
N GLY C 173 -5.21 9.63 -8.33
CA GLY C 173 -4.93 11.04 -7.93
C GLY C 173 -5.71 11.41 -6.66
N ILE C 174 -6.94 10.95 -6.58
CA ILE C 174 -7.75 11.22 -5.32
C ILE C 174 -7.04 10.63 -4.15
N VAL C 175 -6.68 9.34 -4.25
CA VAL C 175 -5.94 8.61 -3.20
C VAL C 175 -4.66 9.29 -2.88
N GLY C 176 -3.81 9.68 -3.79
CA GLY C 176 -2.57 10.37 -3.45
C GLY C 176 -2.72 11.75 -2.77
N MET C 177 -3.80 12.50 -3.02
CA MET C 177 -3.93 13.79 -2.36
C MET C 177 -4.69 13.65 -1.07
N THR C 178 -5.17 12.49 -0.66
CA THR C 178 -5.94 12.40 0.57
C THR C 178 -5.13 12.83 1.81
N LEU C 179 -3.92 12.28 1.98
CA LEU C 179 -3.08 12.58 3.17
C LEU C 179 -2.55 14.03 3.11
N PRO C 180 -2.06 14.61 2.11
CA PRO C 180 -1.58 16.00 2.14
C PRO C 180 -2.76 16.92 2.35
N ILE C 181 -3.94 16.70 1.74
CA ILE C 181 -5.05 17.62 2.18
C ILE C 181 -5.53 17.41 3.58
N ALA C 182 -5.53 16.18 4.12
CA ALA C 182 -5.84 16.14 5.62
C ALA C 182 -4.71 16.81 6.33
N ARG C 183 -3.45 16.74 6.02
CA ARG C 183 -2.37 17.38 6.80
C ARG C 183 -2.51 18.94 6.55
N ASP C 184 -2.89 19.44 5.42
CA ASP C 184 -3.14 20.88 5.21
C ASP C 184 -4.31 21.38 6.11
N LEU C 185 -5.36 20.56 6.26
CA LEU C 185 -6.54 21.10 7.01
C LEU C 185 -6.61 20.74 8.47
N ALA C 186 -5.60 19.95 8.89
CA ALA C 186 -5.54 19.60 10.34
C ALA C 186 -5.58 20.76 11.31
N PRO C 187 -4.88 21.86 11.08
CA PRO C 187 -4.91 23.01 11.95
C PRO C 187 -6.29 23.61 12.02
N ILE C 188 -7.22 23.47 11.09
CA ILE C 188 -8.58 24.00 11.27
C ILE C 188 -9.55 22.86 11.54
N GLY C 189 -9.17 21.66 11.86
CA GLY C 189 -10.12 20.65 12.32
C GLY C 189 -10.99 20.07 11.19
N ILE C 190 -10.45 19.89 10.00
CA ILE C 190 -11.37 19.30 8.95
C ILE C 190 -10.70 17.91 8.64
N ARG C 191 -11.54 16.90 8.88
CA ARG C 191 -10.95 15.58 8.53
C ARG C 191 -11.17 15.39 7.00
N VAL C 192 -10.28 14.54 6.47
CA VAL C 192 -10.40 14.19 4.97
C VAL C 192 -10.22 12.68 4.83
N VAL C 193 -11.23 11.93 4.35
CA VAL C 193 -11.15 10.48 4.19
C VAL C 193 -11.72 10.10 2.77
N THR C 194 -11.17 9.08 2.19
CA THR C 194 -11.63 8.58 0.88
C THR C 194 -12.16 7.14 0.99
N ILE C 195 -13.24 6.94 0.20
CA ILE C 195 -13.79 5.57 0.17
C ILE C 195 -13.45 5.09 -1.23
N ALA C 196 -13.06 3.80 -1.34
CA ALA C 196 -12.78 3.23 -2.68
C ALA C 196 -13.74 2.08 -2.88
N PRO C 197 -14.86 2.32 -3.58
CA PRO C 197 -15.82 1.27 -3.82
C PRO C 197 -15.32 0.26 -4.83
N GLY C 198 -15.82 -0.98 -4.71
CA GLY C 198 -15.46 -2.00 -5.73
C GLY C 198 -16.52 -1.84 -6.89
N LEU C 199 -17.51 -2.73 -6.88
CA LEU C 199 -18.51 -2.74 -7.98
C LEU C 199 -19.89 -2.61 -7.35
N PHE C 200 -20.65 -1.56 -7.76
CA PHE C 200 -21.88 -1.25 -7.09
C PHE C 200 -23.05 -1.24 -8.09
N ALA C 201 -24.22 -1.46 -7.63
CA ALA C 201 -25.42 -1.46 -8.47
C ALA C 201 -25.91 -0.01 -8.69
N THR C 202 -25.24 0.79 -9.57
CA THR C 202 -25.79 2.14 -9.88
C THR C 202 -25.94 2.20 -11.42
N PRO C 203 -26.38 3.33 -11.90
CA PRO C 203 -26.42 3.60 -13.36
C PRO C 203 -25.08 3.46 -13.97
N LEU C 204 -23.98 3.85 -13.35
CA LEU C 204 -22.64 3.93 -13.82
C LEU C 204 -22.27 2.66 -14.58
N LEU C 205 -22.82 1.52 -14.14
CA LEU C 205 -22.69 0.32 -14.95
C LEU C 205 -23.35 0.51 -16.33
N THR C 206 -24.60 1.02 -16.46
CA THR C 206 -25.22 1.38 -17.73
C THR C 206 -24.10 1.90 -18.67
N ASN C 214 -22.55 -7.82 -17.29
CA ASN C 214 -23.78 -8.62 -17.09
C ASN C 214 -23.33 -9.86 -16.30
N PHE C 215 -22.08 -9.83 -15.79
CA PHE C 215 -21.44 -10.96 -15.12
C PHE C 215 -20.48 -10.55 -14.01
N LEU C 216 -20.50 -9.25 -13.69
CA LEU C 216 -19.68 -8.60 -12.69
C LEU C 216 -19.82 -9.18 -11.29
N ALA C 217 -21.05 -9.39 -10.87
CA ALA C 217 -21.44 -9.93 -9.57
C ALA C 217 -20.77 -11.22 -9.13
N SER C 218 -20.42 -12.11 -10.08
CA SER C 218 -19.88 -13.42 -9.73
C SER C 218 -18.44 -13.34 -9.24
N GLN C 219 -17.76 -12.25 -9.53
CA GLN C 219 -16.36 -12.07 -9.14
C GLN C 219 -16.14 -11.72 -7.67
N VAL C 220 -17.22 -11.25 -7.05
CA VAL C 220 -17.15 -10.75 -5.67
C VAL C 220 -17.13 -11.91 -4.67
N PRO C 221 -16.13 -12.12 -3.88
CA PRO C 221 -16.02 -13.21 -2.93
C PRO C 221 -17.20 -13.30 -1.97
N PHE C 222 -17.47 -12.22 -1.20
CA PHE C 222 -18.65 -12.32 -0.30
C PHE C 222 -18.97 -10.96 0.26
N PRO C 223 -20.21 -10.46 0.25
CA PRO C 223 -21.34 -11.02 -0.42
C PRO C 223 -21.11 -11.25 -1.93
N SER C 224 -21.58 -12.28 -2.56
CA SER C 224 -21.27 -12.46 -4.01
C SER C 224 -22.28 -11.79 -4.92
N ARG C 225 -22.20 -10.43 -4.92
CA ARG C 225 -23.15 -9.61 -5.67
C ARG C 225 -22.54 -8.19 -5.78
N LEU C 226 -23.15 -7.38 -6.60
CA LEU C 226 -22.76 -5.96 -6.68
C LEU C 226 -23.15 -5.32 -5.33
N GLY C 227 -22.43 -4.31 -4.88
CA GLY C 227 -22.70 -3.54 -3.68
C GLY C 227 -24.08 -2.84 -3.85
N ASP C 228 -24.72 -2.55 -2.74
CA ASP C 228 -25.99 -1.85 -2.71
C ASP C 228 -25.53 -0.45 -2.37
N PRO C 229 -26.07 0.55 -3.04
CA PRO C 229 -25.68 1.92 -2.77
C PRO C 229 -25.85 2.29 -1.34
N ALA C 230 -26.91 1.75 -0.65
CA ALA C 230 -27.16 2.08 0.76
C ALA C 230 -25.91 1.59 1.61
N GLU C 231 -25.18 0.56 1.17
CA GLU C 231 -24.01 0.17 2.04
C GLU C 231 -22.89 1.22 1.95
N TYR C 232 -22.79 1.95 0.79
CA TYR C 232 -21.83 3.02 0.69
C TYR C 232 -22.35 4.14 1.61
N ALA C 233 -23.67 4.46 1.47
CA ALA C 233 -24.20 5.48 2.40
C ALA C 233 -23.94 5.14 3.87
N HIS C 234 -24.11 3.90 4.30
CA HIS C 234 -23.82 3.63 5.77
C HIS C 234 -22.35 3.83 6.07
N LEU C 235 -21.38 3.60 5.17
CA LEU C 235 -19.97 3.83 5.56
C LEU C 235 -19.81 5.34 5.63
N VAL C 236 -20.42 6.11 4.70
CA VAL C 236 -20.29 7.55 4.79
C VAL C 236 -20.70 8.04 6.14
N GLN C 237 -21.88 7.58 6.66
CA GLN C 237 -22.33 8.01 7.98
C GLN C 237 -21.27 7.63 9.03
N MET C 238 -20.77 6.38 8.90
CA MET C 238 -19.72 6.05 9.96
C MET C 238 -18.50 6.95 9.97
N VAL C 239 -18.10 7.39 8.80
CA VAL C 239 -16.93 8.21 8.59
C VAL C 239 -17.20 9.57 9.23
N ILE C 240 -18.43 10.09 9.00
CA ILE C 240 -18.74 11.38 9.62
C ILE C 240 -18.80 11.23 11.15
N GLU C 241 -19.38 10.11 11.66
CA GLU C 241 -19.44 10.01 13.15
C GLU C 241 -18.11 9.67 13.82
N ASN C 242 -17.21 9.02 13.17
CA ASN C 242 -15.96 8.63 13.99
C ASN C 242 -14.99 9.74 13.98
N PRO C 243 -14.61 10.37 15.09
CA PRO C 243 -13.72 11.51 15.14
C PRO C 243 -12.23 11.15 14.92
N PHE C 244 -11.89 9.85 14.92
CA PHE C 244 -10.43 9.68 14.76
C PHE C 244 -10.07 9.10 13.40
N LEU C 245 -11.09 9.06 12.48
CA LEU C 245 -10.67 8.51 11.14
C LEU C 245 -10.25 9.67 10.29
N ASN C 246 -9.08 9.62 9.72
CA ASN C 246 -8.48 10.77 9.03
C ASN C 246 -7.37 10.30 8.09
N GLY C 247 -7.25 10.89 6.88
CA GLY C 247 -6.08 10.72 6.03
C GLY C 247 -6.04 9.32 5.50
N GLU C 248 -7.17 8.57 5.42
CA GLU C 248 -7.09 7.12 5.06
C GLU C 248 -8.13 6.84 3.91
N VAL C 249 -7.80 5.83 3.21
CA VAL C 249 -8.65 5.27 2.13
C VAL C 249 -9.23 3.92 2.51
N ILE C 250 -10.57 3.77 2.41
CA ILE C 250 -11.21 2.49 2.88
C ILE C 250 -11.67 1.80 1.58
N ARG C 251 -11.37 0.47 1.44
CA ARG C 251 -12.03 -0.23 0.32
C ARG C 251 -13.33 -0.83 0.81
N LEU C 252 -14.38 -0.70 -0.10
CA LEU C 252 -15.74 -1.20 0.23
C LEU C 252 -16.07 -2.05 -1.00
N ASP C 253 -15.83 -3.37 -0.84
CA ASP C 253 -15.81 -4.09 -2.13
C ASP C 253 -16.09 -5.58 -1.99
N GLY C 254 -16.48 -6.10 -0.88
CA GLY C 254 -16.84 -7.54 -0.85
C GLY C 254 -15.60 -8.49 -0.98
N ALA C 255 -14.40 -7.95 -0.76
CA ALA C 255 -13.09 -8.60 -0.80
C ALA C 255 -12.64 -8.80 -2.24
N ILE C 256 -13.27 -8.20 -3.26
CA ILE C 256 -12.80 -8.39 -4.64
C ILE C 256 -11.42 -7.82 -4.93
N ARG C 257 -10.64 -8.41 -5.87
CA ARG C 257 -9.38 -7.77 -6.31
C ARG C 257 -9.43 -7.86 -7.84
N MET C 258 -9.31 -6.76 -8.56
CA MET C 258 -9.73 -6.86 -9.98
C MET C 258 -8.69 -7.49 -10.89
N GLN C 259 -9.24 -8.43 -11.69
CA GLN C 259 -8.34 -9.00 -12.76
C GLN C 259 -8.35 -8.06 -13.95
N PRO C 260 -7.34 -8.44 -14.84
CA PRO C 260 -7.19 -7.59 -16.06
C PRO C 260 -8.57 -7.37 -16.73
N SER D 6 22.69 -5.54 -20.28
CA SER D 6 23.23 -4.61 -21.30
C SER D 6 22.13 -3.77 -21.92
N VAL D 7 22.51 -2.50 -22.15
CA VAL D 7 21.59 -1.55 -22.76
C VAL D 7 22.16 -1.19 -24.17
N LYS D 8 23.30 -1.76 -24.42
CA LYS D 8 24.03 -1.33 -25.66
C LYS D 8 23.17 -1.36 -26.87
N GLY D 9 23.17 -0.30 -27.69
CA GLY D 9 22.40 -0.13 -28.89
C GLY D 9 20.94 0.08 -28.70
N LEU D 10 20.42 0.10 -27.43
CA LEU D 10 18.95 0.43 -27.37
C LEU D 10 18.72 1.87 -27.58
N VAL D 11 17.58 2.31 -28.07
CA VAL D 11 17.32 3.73 -28.27
C VAL D 11 16.34 4.18 -27.08
N ALA D 12 16.73 5.17 -26.31
CA ALA D 12 15.84 5.62 -25.23
C ALA D 12 15.42 7.10 -25.40
N VAL D 13 14.11 7.38 -25.28
CA VAL D 13 13.71 8.76 -25.31
C VAL D 13 13.55 9.22 -23.84
N ILE D 14 14.20 10.29 -23.42
CA ILE D 14 14.06 10.59 -21.97
C ILE D 14 13.52 11.96 -21.75
N THR D 15 12.22 12.02 -21.31
CA THR D 15 11.69 13.37 -21.12
C THR D 15 12.22 13.97 -19.83
N GLY D 16 12.34 15.28 -19.83
CA GLY D 16 13.02 15.98 -18.77
C GLY D 16 14.55 15.68 -18.77
N GLY D 17 15.06 15.48 -19.97
CA GLY D 17 16.41 14.95 -20.09
C GLY D 17 17.47 16.07 -20.06
N ALA D 18 17.06 17.34 -19.98
CA ALA D 18 18.12 18.38 -19.92
C ALA D 18 18.73 18.59 -18.54
N SER D 19 18.05 18.03 -17.49
CA SER D 19 18.51 18.32 -16.13
C SER D 19 18.25 17.15 -15.18
N GLY D 20 18.82 17.27 -13.95
CA GLY D 20 18.42 16.33 -12.90
C GLY D 20 18.48 14.84 -13.25
N LEU D 21 17.40 14.14 -12.79
CA LEU D 21 17.27 12.70 -12.96
C LEU D 21 17.34 12.23 -14.39
N GLY D 22 16.63 13.02 -15.27
CA GLY D 22 16.62 12.66 -16.69
C GLY D 22 18.03 12.81 -17.29
N LEU D 23 18.70 13.86 -16.93
CA LEU D 23 20.05 14.01 -17.59
C LEU D 23 21.00 12.94 -17.07
N SER D 24 20.91 12.65 -15.75
CA SER D 24 21.88 11.65 -15.22
C SER D 24 21.54 10.33 -15.79
N THR D 25 20.24 10.01 -16.14
CA THR D 25 19.86 8.80 -16.73
C THR D 25 20.44 8.62 -18.23
N ALA D 26 20.45 9.77 -18.87
CA ALA D 26 20.99 9.85 -20.24
C ALA D 26 22.50 9.57 -20.21
N LYS D 27 23.09 10.23 -19.23
CA LYS D 27 24.58 10.11 -19.08
C LYS D 27 24.90 8.66 -18.85
N ARG D 28 24.13 7.95 -18.00
CA ARG D 28 24.46 6.57 -17.72
C ARG D 28 24.18 5.68 -18.92
N LEU D 29 23.01 5.83 -19.53
CA LEU D 29 22.72 4.93 -20.69
C LEU D 29 23.66 5.13 -21.87
N VAL D 30 24.00 6.36 -22.14
CA VAL D 30 24.92 6.62 -23.29
C VAL D 30 26.30 6.18 -22.89
N GLY D 31 26.79 6.30 -21.67
CA GLY D 31 28.03 5.73 -21.18
C GLY D 31 28.04 4.19 -21.41
N GLN D 32 26.93 3.48 -21.29
CA GLN D 32 26.75 2.07 -21.42
C GLN D 32 26.45 1.61 -22.86
N GLY D 33 26.55 2.49 -23.85
CA GLY D 33 26.32 1.99 -25.28
C GLY D 33 24.97 2.32 -25.85
N ALA D 34 24.06 2.94 -25.09
CA ALA D 34 22.77 3.29 -25.72
C ALA D 34 22.79 4.62 -26.43
N THR D 35 21.70 4.78 -27.19
CA THR D 35 21.44 6.12 -27.78
C THR D 35 20.29 6.81 -27.01
N ALA D 36 20.39 8.12 -26.82
CA ALA D 36 19.32 8.78 -26.04
C ALA D 36 18.89 10.05 -26.71
N VAL D 37 17.59 10.30 -26.71
CA VAL D 37 17.02 11.55 -27.19
C VAL D 37 16.61 12.35 -25.99
N LEU D 38 17.06 13.55 -25.81
CA LEU D 38 16.60 14.27 -24.64
C LEU D 38 15.34 15.01 -25.09
N LEU D 39 14.21 14.89 -24.45
CA LEU D 39 12.96 15.62 -24.85
C LEU D 39 12.75 16.55 -23.73
N ASP D 40 12.79 17.86 -24.00
CA ASP D 40 12.75 18.91 -22.97
C ASP D 40 12.33 20.27 -23.60
N VAL D 41 12.03 21.26 -22.76
CA VAL D 41 11.54 22.48 -23.41
C VAL D 41 12.71 23.17 -24.12
N PRO D 42 12.34 24.13 -24.99
CA PRO D 42 13.34 24.89 -25.74
C PRO D 42 14.20 25.78 -24.87
N ASN D 43 13.64 26.32 -23.76
CA ASN D 43 14.48 27.16 -22.93
C ASN D 43 15.37 26.43 -21.96
N SER D 44 15.52 25.10 -22.15
CA SER D 44 16.43 24.39 -21.17
C SER D 44 17.80 24.33 -21.75
N GLU D 45 18.75 23.75 -21.08
CA GLU D 45 20.11 23.47 -21.55
C GLU D 45 20.17 22.28 -22.47
N GLY D 46 19.04 21.71 -22.91
CA GLY D 46 18.94 20.52 -23.75
C GLY D 46 20.09 20.34 -24.75
N GLU D 47 20.13 21.43 -25.58
CA GLU D 47 21.09 21.32 -26.72
C GLU D 47 22.51 21.16 -26.32
N THR D 48 22.99 21.89 -25.32
CA THR D 48 24.31 21.76 -24.81
C THR D 48 24.58 20.42 -24.12
N GLU D 49 23.58 19.94 -23.36
CA GLU D 49 23.83 18.57 -22.82
C GLU D 49 23.92 17.54 -23.89
N ALA D 50 23.15 17.57 -24.93
CA ALA D 50 23.11 16.60 -26.01
C ALA D 50 24.45 16.60 -26.81
N LYS D 51 25.00 17.76 -26.94
CA LYS D 51 26.36 17.94 -27.48
C LYS D 51 27.40 17.32 -26.60
N LYS D 52 27.49 17.72 -25.29
CA LYS D 52 28.49 17.19 -24.37
C LYS D 52 28.47 15.67 -24.34
N LEU D 53 27.29 15.03 -24.47
CA LEU D 53 27.13 13.62 -24.44
C LEU D 53 27.47 12.87 -25.71
N GLY D 54 27.78 13.65 -26.73
CA GLY D 54 28.19 13.17 -28.00
C GLY D 54 27.18 12.85 -29.04
N GLY D 55 27.69 12.11 -30.09
CA GLY D 55 26.99 11.77 -31.29
C GLY D 55 25.86 10.75 -31.10
N ASN D 56 25.76 10.09 -29.97
CA ASN D 56 24.67 9.13 -29.76
C ASN D 56 23.62 9.80 -28.81
N CYS D 57 23.67 11.14 -28.71
CA CYS D 57 22.71 11.82 -27.83
C CYS D 57 22.21 13.06 -28.57
N ILE D 58 20.95 13.17 -28.88
CA ILE D 58 20.39 14.38 -29.51
C ILE D 58 19.24 14.98 -28.68
N PHE D 59 19.00 16.27 -28.89
CA PHE D 59 17.92 17.02 -28.24
C PHE D 59 16.70 17.17 -29.13
N ALA D 60 15.52 16.69 -28.67
CA ALA D 60 14.29 17.05 -29.39
C ALA D 60 13.46 18.00 -28.54
N PRO D 61 13.48 19.29 -28.81
CA PRO D 61 12.71 20.25 -28.02
C PRO D 61 11.22 19.94 -28.12
N ALA D 62 10.48 19.80 -27.02
CA ALA D 62 9.12 19.50 -26.96
C ALA D 62 8.53 19.70 -25.52
N ASN D 63 7.30 20.21 -25.51
CA ASN D 63 6.58 20.25 -24.21
C ASN D 63 5.73 18.97 -24.15
N VAL D 64 5.86 18.20 -22.97
CA VAL D 64 5.05 16.96 -22.95
C VAL D 64 3.55 17.14 -22.97
N THR D 65 3.09 18.37 -22.78
CA THR D 65 1.63 18.55 -22.72
C THR D 65 0.99 18.69 -24.11
N SER D 66 1.90 18.75 -25.08
CA SER D 66 1.46 19.01 -26.53
C SER D 66 1.50 17.72 -27.30
N GLU D 67 0.41 17.31 -27.90
CA GLU D 67 0.37 16.15 -28.75
C GLU D 67 1.37 16.37 -29.94
N LYS D 68 1.20 17.51 -30.59
CA LYS D 68 2.01 17.78 -31.77
C LYS D 68 3.50 17.79 -31.56
N GLU D 69 3.94 18.41 -30.45
CA GLU D 69 5.38 18.42 -30.17
C GLU D 69 5.92 17.06 -29.79
N VAL D 70 5.15 16.30 -28.95
CA VAL D 70 5.63 14.95 -28.60
C VAL D 70 5.67 14.06 -29.86
N GLN D 71 4.62 14.10 -30.67
CA GLN D 71 4.62 13.29 -31.90
C GLN D 71 5.84 13.63 -32.81
N ALA D 72 6.24 14.82 -32.92
CA ALA D 72 7.37 15.28 -33.70
C ALA D 72 8.73 14.84 -33.12
N ALA D 73 8.77 14.87 -31.76
CA ALA D 73 10.02 14.43 -31.16
C ALA D 73 10.21 12.95 -31.31
N LEU D 74 9.20 12.16 -31.20
CA LEU D 74 9.25 10.74 -31.35
C LEU D 74 9.65 10.38 -32.82
N THR D 75 8.96 11.07 -33.75
CA THR D 75 9.21 10.84 -35.18
C THR D 75 10.68 11.09 -35.49
N LEU D 76 11.26 12.15 -34.98
CA LEU D 76 12.67 12.43 -35.15
C LEU D 76 13.58 11.36 -34.58
N ALA D 77 13.19 10.83 -33.38
CA ALA D 77 13.94 9.73 -32.86
C ALA D 77 13.83 8.50 -33.76
N LYS D 78 12.69 8.16 -34.29
CA LYS D 78 12.42 6.98 -35.11
C LYS D 78 13.06 7.14 -36.50
N GLU D 79 13.10 8.37 -36.96
CA GLU D 79 13.73 8.59 -38.27
C GLU D 79 15.27 8.54 -38.12
N LYS D 80 15.76 9.09 -37.04
CA LYS D 80 17.22 9.18 -36.89
C LYS D 80 17.89 7.97 -36.36
N PHE D 81 17.23 7.07 -35.59
CA PHE D 81 17.87 5.90 -35.07
C PHE D 81 17.11 4.62 -35.44
N GLY D 82 15.97 4.72 -36.08
CA GLY D 82 15.20 3.66 -36.63
C GLY D 82 14.16 2.93 -35.83
N ARG D 83 14.19 3.26 -34.51
CA ARG D 83 13.29 2.53 -33.61
C ARG D 83 13.37 3.23 -32.25
N ILE D 84 12.38 2.82 -31.40
CA ILE D 84 12.42 3.38 -29.97
C ILE D 84 12.26 2.13 -29.11
N ASP D 85 13.23 1.89 -28.15
CA ASP D 85 13.09 0.66 -27.38
C ASP D 85 12.65 1.09 -25.95
N VAL D 86 13.03 2.23 -25.55
CA VAL D 86 12.82 2.62 -24.09
C VAL D 86 12.39 4.06 -24.02
N ALA D 87 11.37 4.29 -23.08
CA ALA D 87 10.92 5.64 -22.82
C ALA D 87 11.06 5.91 -21.25
N VAL D 88 11.57 7.04 -20.96
CA VAL D 88 11.76 7.40 -19.52
C VAL D 88 11.15 8.74 -19.27
N ASN D 89 10.01 8.75 -18.45
CA ASN D 89 9.34 10.04 -18.20
C ASN D 89 9.90 10.73 -16.95
N CYS D 90 10.72 11.79 -17.12
CA CYS D 90 11.22 12.49 -15.91
C CYS D 90 10.80 13.96 -16.05
N ALA D 91 10.07 14.43 -17.08
CA ALA D 91 9.70 15.83 -17.11
C ALA D 91 8.65 16.06 -16.00
N GLY D 92 8.78 17.10 -15.26
CA GLY D 92 7.88 17.31 -14.09
C GLY D 92 8.18 18.64 -13.42
N ILE D 93 7.19 19.25 -12.75
CA ILE D 93 7.27 20.47 -12.03
C ILE D 93 6.71 20.27 -10.60
N ALA D 94 7.02 21.19 -9.69
CA ALA D 94 6.47 20.88 -8.29
C ALA D 94 5.98 22.22 -7.82
N VAL D 95 5.09 22.28 -6.84
CA VAL D 95 4.70 23.54 -6.25
C VAL D 95 4.42 23.19 -4.75
N ALA D 96 4.52 24.22 -3.95
CA ALA D 96 4.19 23.97 -2.51
C ALA D 96 3.08 24.95 -2.17
N ILE D 97 1.80 24.56 -2.24
CA ILE D 97 0.70 25.47 -1.94
C ILE D 97 -0.38 24.75 -1.07
N LYS D 98 -0.73 25.27 0.07
CA LYS D 98 -1.77 24.70 0.90
C LYS D 98 -3.12 24.78 0.15
N THR D 99 -3.98 23.74 0.47
CA THR D 99 -5.30 23.69 -0.16
C THR D 99 -6.01 24.96 0.30
N TYR D 100 -5.87 25.29 1.58
CA TYR D 100 -6.52 26.56 2.09
C TYR D 100 -5.56 26.97 3.20
N HIS D 101 -5.14 28.24 3.09
CA HIS D 101 -4.22 28.79 4.07
C HIS D 101 -5.02 29.65 5.07
N GLU D 102 -5.07 29.18 6.31
CA GLU D 102 -5.71 29.91 7.41
C GLU D 102 -5.04 31.26 7.73
N LYS D 103 -3.75 31.33 8.06
CA LYS D 103 -3.07 32.61 8.34
C LYS D 103 -3.50 33.60 7.26
N LYS D 104 -3.11 33.40 6.02
CA LYS D 104 -3.32 34.35 4.93
C LYS D 104 -4.71 34.44 4.34
N ASN D 105 -5.62 33.61 4.79
CA ASN D 105 -6.93 33.32 4.27
C ASN D 105 -7.00 33.20 2.76
N GLN D 106 -6.15 32.38 2.14
CA GLN D 106 -5.91 32.18 0.73
C GLN D 106 -6.19 30.72 0.31
N VAL D 107 -7.04 30.60 -0.71
CA VAL D 107 -7.39 29.28 -1.24
C VAL D 107 -6.42 28.98 -2.36
N HIS D 108 -5.97 27.68 -2.49
CA HIS D 108 -5.23 27.15 -3.59
C HIS D 108 -6.05 27.43 -4.87
N THR D 109 -5.44 28.01 -5.91
CA THR D 109 -6.14 28.26 -7.11
C THR D 109 -6.38 26.99 -7.90
N LEU D 110 -7.48 27.09 -8.70
CA LEU D 110 -7.77 25.89 -9.52
C LEU D 110 -6.78 25.73 -10.66
N GLU D 111 -6.34 26.88 -11.28
CA GLU D 111 -5.35 26.79 -12.36
C GLU D 111 -3.94 26.35 -11.84
N ASP D 112 -3.61 26.60 -10.56
CA ASP D 112 -2.30 26.06 -10.17
C ASP D 112 -2.39 24.52 -10.04
N PHE D 113 -3.53 24.04 -9.52
CA PHE D 113 -3.63 22.55 -9.47
C PHE D 113 -3.71 21.97 -10.86
N GLN D 114 -4.44 22.57 -11.79
CA GLN D 114 -4.54 22.13 -13.16
C GLN D 114 -3.19 22.11 -13.85
N ARG D 115 -2.34 23.12 -13.63
CA ARG D 115 -1.03 23.12 -14.29
C ARG D 115 -0.13 21.97 -13.83
N VAL D 116 -0.14 21.67 -12.52
CA VAL D 116 0.71 20.48 -12.15
C VAL D 116 0.16 19.15 -12.60
N ILE D 117 -1.16 18.94 -12.63
CA ILE D 117 -1.73 17.69 -13.15
C ILE D 117 -1.43 17.61 -14.64
N ASN D 118 -1.40 18.82 -15.31
CA ASN D 118 -1.31 18.75 -16.81
C ASN D 118 0.11 18.39 -17.23
N VAL D 119 1.11 18.94 -16.55
CA VAL D 119 2.52 18.64 -16.88
C VAL D 119 2.95 17.22 -16.45
N ASN D 120 2.62 17.00 -15.16
CA ASN D 120 3.17 15.76 -14.53
C ASN D 120 2.39 14.56 -14.89
N LEU D 121 0.99 14.58 -14.87
CA LEU D 121 0.25 13.35 -15.11
C LEU D 121 -0.27 13.27 -16.56
N ILE D 122 -0.94 14.34 -17.04
CA ILE D 122 -1.42 14.23 -18.47
C ILE D 122 -0.20 14.28 -19.42
N GLY D 123 0.90 14.96 -19.10
CA GLY D 123 2.10 14.98 -19.91
C GLY D 123 2.81 13.61 -19.96
N THR D 124 2.84 12.86 -18.81
CA THR D 124 3.33 11.46 -18.80
C THR D 124 2.41 10.53 -19.59
N PHE D 125 1.05 10.59 -19.46
CA PHE D 125 0.24 9.76 -20.32
C PHE D 125 0.38 10.19 -21.84
N ASN D 126 0.53 11.47 -22.09
CA ASN D 126 0.70 11.86 -23.52
C ASN D 126 1.87 11.11 -24.12
N VAL D 127 3.03 11.07 -23.41
CA VAL D 127 4.24 10.40 -23.98
C VAL D 127 3.98 8.93 -24.06
N ILE D 128 3.37 8.26 -23.06
CA ILE D 128 3.17 6.80 -23.06
C ILE D 128 2.34 6.41 -24.32
N ARG D 129 1.19 7.06 -24.42
CA ARG D 129 0.25 6.58 -25.44
C ARG D 129 0.91 6.77 -26.79
N LEU D 130 1.61 7.85 -27.01
CA LEU D 130 2.21 8.04 -28.39
C LEU D 130 3.48 7.25 -28.57
N VAL D 131 4.21 6.83 -27.55
CA VAL D 131 5.43 6.03 -27.76
C VAL D 131 5.04 4.59 -27.85
N ALA D 132 3.93 4.21 -27.19
CA ALA D 132 3.50 2.78 -27.26
C ALA D 132 3.38 2.27 -28.72
N GLY D 133 2.72 3.02 -29.54
CA GLY D 133 2.53 2.61 -30.95
C GLY D 133 3.86 2.60 -31.65
N VAL D 134 4.84 3.42 -31.33
CA VAL D 134 6.15 3.39 -32.01
C VAL D 134 6.92 2.17 -31.56
N MET D 135 6.80 1.83 -30.25
CA MET D 135 7.47 0.59 -29.80
C MET D 135 6.79 -0.61 -30.42
N GLY D 136 5.50 -0.50 -30.73
CA GLY D 136 4.71 -1.61 -31.29
C GLY D 136 5.14 -1.90 -32.78
N GLN D 137 5.93 -1.05 -33.32
CA GLN D 137 6.42 -1.37 -34.68
C GLN D 137 7.60 -2.29 -34.57
N ASN D 138 8.25 -2.40 -33.39
CA ASN D 138 9.47 -3.18 -33.39
C ASN D 138 9.19 -4.65 -33.51
N GLU D 139 10.15 -5.44 -34.04
CA GLU D 139 9.93 -6.88 -33.93
C GLU D 139 10.16 -7.30 -32.45
N PRO D 140 9.46 -8.29 -31.96
CA PRO D 140 9.63 -8.84 -30.61
C PRO D 140 11.01 -9.47 -30.47
N ASP D 141 11.66 -9.32 -29.33
CA ASP D 141 12.93 -10.00 -29.04
C ASP D 141 12.68 -11.48 -28.73
N GLN D 142 13.68 -12.22 -28.27
CA GLN D 142 13.58 -13.64 -27.95
C GLN D 142 12.49 -13.94 -26.91
N GLY D 143 12.35 -12.92 -26.00
CA GLY D 143 11.30 -13.08 -24.99
C GLY D 143 10.00 -12.39 -25.27
N GLY D 144 9.66 -11.89 -26.44
CA GLY D 144 8.32 -11.36 -26.71
C GLY D 144 8.33 -9.85 -26.47
N GLN D 145 9.45 -9.30 -26.02
CA GLN D 145 9.44 -7.86 -25.68
C GLN D 145 9.67 -6.94 -26.85
N ARG D 146 8.97 -5.81 -26.88
CA ARG D 146 8.95 -4.73 -27.81
C ARG D 146 9.36 -3.40 -27.17
N GLY D 147 9.31 -3.27 -25.80
CA GLY D 147 9.84 -1.95 -25.33
C GLY D 147 9.66 -1.95 -23.75
N VAL D 148 10.18 -0.83 -23.19
CA VAL D 148 9.98 -0.73 -21.79
C VAL D 148 9.62 0.75 -21.56
N ILE D 149 8.64 1.00 -20.66
CA ILE D 149 8.33 2.44 -20.33
C ILE D 149 8.56 2.65 -18.80
N ILE D 150 9.31 3.68 -18.42
CA ILE D 150 9.60 3.83 -16.97
C ILE D 150 9.12 5.18 -16.64
N ASN D 151 8.21 5.33 -15.60
CA ASN D 151 7.76 6.63 -15.22
C ASN D 151 8.27 7.12 -13.88
N THR D 152 8.29 8.45 -13.62
CA THR D 152 8.80 8.87 -12.31
C THR D 152 7.59 9.47 -11.58
N ALA D 153 7.23 8.81 -10.45
CA ALA D 153 6.26 9.35 -9.51
C ALA D 153 7.04 10.06 -8.42
N SER D 154 6.74 9.68 -7.12
CA SER D 154 7.42 10.33 -6.04
C SER D 154 6.92 9.64 -4.73
N VAL D 155 7.71 9.70 -3.63
CA VAL D 155 7.08 9.20 -2.40
C VAL D 155 5.94 10.14 -1.99
N ALA D 156 5.79 11.32 -2.52
CA ALA D 156 4.64 12.23 -2.25
C ALA D 156 3.39 11.46 -2.68
N ALA D 157 3.40 10.48 -3.58
CA ALA D 157 2.16 9.71 -3.88
C ALA D 157 1.55 8.90 -2.71
N PHE D 158 2.41 8.79 -1.69
CA PHE D 158 2.02 7.96 -0.49
C PHE D 158 2.05 8.78 0.78
N GLU D 159 3.00 9.67 0.91
CA GLU D 159 3.08 10.49 2.13
C GLU D 159 3.18 12.01 1.77
N GLY D 160 2.21 12.44 0.93
CA GLY D 160 2.32 13.90 0.58
C GLY D 160 2.38 14.80 1.86
N GLN D 161 3.28 15.78 1.75
CA GLN D 161 3.38 16.66 2.95
C GLN D 161 2.37 17.82 2.82
N VAL D 162 2.35 18.70 3.84
CA VAL D 162 1.63 20.01 3.74
C VAL D 162 2.13 20.83 2.59
N GLY D 163 1.16 21.30 1.77
CA GLY D 163 1.56 22.06 0.54
C GLY D 163 1.62 21.24 -0.75
N GLN D 164 1.56 19.91 -0.61
CA GLN D 164 1.70 19.03 -1.79
C GLN D 164 0.44 18.40 -2.36
N ALA D 165 -0.71 18.99 -2.13
CA ALA D 165 -1.96 18.44 -2.70
C ALA D 165 -1.81 18.28 -4.25
N ALA D 166 -1.39 19.38 -4.94
CA ALA D 166 -1.36 19.09 -6.44
C ALA D 166 -0.36 18.11 -6.97
N TYR D 167 0.84 18.21 -6.34
CA TYR D 167 1.95 17.38 -6.65
C TYR D 167 1.63 15.92 -6.33
N SER D 168 1.04 15.76 -5.15
CA SER D 168 0.72 14.37 -4.78
C SER D 168 -0.36 13.80 -5.70
N ALA D 169 -1.41 14.56 -6.05
CA ALA D 169 -2.49 14.14 -6.85
C ALA D 169 -1.80 13.77 -8.20
N SER D 170 -0.91 14.60 -8.71
CA SER D 170 -0.31 14.20 -10.02
C SER D 170 0.46 12.89 -9.94
N LYS D 171 1.20 12.68 -8.85
CA LYS D 171 2.08 11.49 -8.75
C LYS D 171 1.32 10.20 -8.41
N GLY D 172 0.24 10.39 -7.58
CA GLY D 172 -0.63 9.25 -7.21
C GLY D 172 -1.39 8.85 -8.47
N GLY D 173 -1.66 9.84 -9.34
CA GLY D 173 -2.29 9.44 -10.66
C GLY D 173 -1.31 8.59 -11.55
N ILE D 174 -0.04 8.95 -11.47
CA ILE D 174 0.91 8.07 -12.22
C ILE D 174 0.98 6.68 -11.64
N VAL D 175 1.04 6.65 -10.25
CA VAL D 175 1.02 5.28 -9.64
C VAL D 175 -0.26 4.49 -10.00
N GLY D 176 -1.40 5.19 -9.87
CA GLY D 176 -2.74 4.52 -10.14
C GLY D 176 -2.83 3.96 -11.59
N MET D 177 -2.23 4.66 -12.53
CA MET D 177 -2.34 4.15 -13.89
C MET D 177 -1.28 3.12 -14.29
N THR D 178 -0.29 2.86 -13.40
CA THR D 178 0.82 2.05 -13.89
C THR D 178 0.34 0.63 -14.24
N LEU D 179 -0.41 0.01 -13.34
CA LEU D 179 -0.94 -1.36 -13.61
C LEU D 179 -1.88 -1.33 -14.81
N PRO D 180 -2.93 -0.58 -14.96
CA PRO D 180 -3.80 -0.69 -16.11
C PRO D 180 -3.04 -0.51 -17.39
N ILE D 181 -2.05 0.43 -17.45
CA ILE D 181 -1.30 0.49 -18.69
C ILE D 181 -0.47 -0.73 -18.94
N ALA D 182 0.28 -1.25 -17.96
CA ALA D 182 0.99 -2.53 -18.14
C ALA D 182 0.04 -3.62 -18.65
N ARG D 183 -1.16 -3.71 -18.12
CA ARG D 183 -2.17 -4.71 -18.61
C ARG D 183 -2.56 -4.38 -20.08
N ASP D 184 -2.76 -3.11 -20.41
CA ASP D 184 -3.19 -2.74 -21.75
C ASP D 184 -2.08 -3.16 -22.76
N LEU D 185 -0.84 -3.01 -22.39
CA LEU D 185 0.29 -3.12 -23.32
C LEU D 185 0.91 -4.54 -23.25
N ALA D 186 0.45 -5.41 -22.40
CA ALA D 186 0.89 -6.75 -22.27
C ALA D 186 0.85 -7.55 -23.63
N PRO D 187 -0.28 -7.57 -24.30
CA PRO D 187 -0.30 -8.19 -25.67
C PRO D 187 0.76 -7.76 -26.60
N ILE D 188 1.37 -6.59 -26.58
CA ILE D 188 2.36 -6.15 -27.50
C ILE D 188 3.78 -6.29 -26.88
N GLY D 189 3.92 -6.67 -25.65
CA GLY D 189 5.28 -6.88 -25.03
C GLY D 189 5.93 -5.53 -24.66
N ILE D 190 5.14 -4.66 -23.95
CA ILE D 190 5.79 -3.43 -23.46
C ILE D 190 5.62 -3.42 -21.88
N ARG D 191 6.76 -3.60 -21.21
CA ARG D 191 6.64 -3.45 -19.73
C ARG D 191 6.42 -2.01 -19.36
N VAL D 192 5.80 -1.75 -18.15
CA VAL D 192 5.52 -0.40 -17.68
C VAL D 192 5.89 -0.42 -16.19
N VAL D 193 6.88 0.38 -15.74
CA VAL D 193 7.29 0.35 -14.31
C VAL D 193 7.45 1.80 -13.94
N THR D 194 7.13 2.07 -12.64
CA THR D 194 7.26 3.49 -12.14
C THR D 194 8.26 3.51 -10.96
N ILE D 195 9.10 4.52 -10.91
CA ILE D 195 10.05 4.67 -9.76
C ILE D 195 9.48 5.91 -9.04
N ALA D 196 9.44 5.75 -7.71
CA ALA D 196 9.03 6.82 -6.77
C ALA D 196 10.27 7.23 -5.96
N PRO D 197 10.94 8.32 -6.39
CA PRO D 197 12.14 8.78 -5.68
C PRO D 197 11.73 9.55 -4.39
N GLY D 198 12.61 9.49 -3.38
CA GLY D 198 12.28 10.26 -2.16
C GLY D 198 12.87 11.68 -2.38
N LEU D 199 14.00 12.00 -1.79
CA LEU D 199 14.53 13.39 -2.00
C LEU D 199 15.90 13.27 -2.66
N PHE D 200 16.17 13.91 -3.88
CA PHE D 200 17.40 13.83 -4.57
C PHE D 200 17.98 15.25 -4.87
N ALA D 201 19.31 15.20 -4.98
CA ALA D 201 20.08 16.44 -5.20
C ALA D 201 20.00 16.90 -6.64
N THR D 202 18.90 17.50 -7.03
CA THR D 202 18.69 17.99 -8.36
C THR D 202 18.32 19.49 -8.18
N PRO D 203 18.15 20.19 -9.30
CA PRO D 203 17.75 21.59 -9.23
C PRO D 203 16.30 21.73 -8.84
N LEU D 204 15.50 20.66 -8.86
CA LEU D 204 14.09 20.82 -8.51
C LEU D 204 13.99 21.31 -7.06
N LEU D 205 14.90 20.91 -6.19
CA LEU D 205 14.93 21.21 -4.79
C LEU D 205 14.55 22.58 -4.33
N THR D 206 14.68 23.67 -5.06
CA THR D 206 14.29 25.03 -4.69
C THR D 206 12.80 25.32 -4.51
N THR D 207 11.99 24.30 -4.34
CA THR D 207 10.56 24.29 -4.14
C THR D 207 10.15 24.27 -2.66
N LEU D 208 11.02 23.62 -1.86
CA LEU D 208 10.92 23.64 -0.40
C LEU D 208 11.23 25.02 0.15
N PRO D 209 10.73 25.30 1.35
CA PRO D 209 10.92 26.57 2.04
C PRO D 209 12.30 27.15 1.76
N ASP D 210 13.28 26.67 2.52
CA ASP D 210 14.69 27.01 2.50
C ASP D 210 15.23 26.52 3.87
N LYS D 211 14.40 26.91 4.87
CA LYS D 211 14.47 26.48 6.25
C LYS D 211 13.92 25.06 6.42
N VAL D 212 13.67 24.38 5.31
CA VAL D 212 13.22 23.03 5.17
C VAL D 212 14.34 22.25 4.48
N ARG D 213 14.68 22.80 3.31
CA ARG D 213 15.68 22.19 2.44
C ARG D 213 16.99 21.76 3.11
N ASN D 214 17.64 22.68 3.83
CA ASN D 214 18.92 22.39 4.46
C ASN D 214 18.89 21.19 5.39
N PHE D 215 17.78 20.82 5.99
CA PHE D 215 17.42 19.85 6.98
C PHE D 215 17.08 18.46 6.46
N LEU D 216 16.64 18.31 5.23
CA LEU D 216 16.24 17.12 4.49
C LEU D 216 17.00 15.84 4.78
N ALA D 217 18.31 15.89 4.70
CA ALA D 217 19.28 14.87 4.98
C ALA D 217 19.05 14.16 6.29
N SER D 218 19.00 14.94 7.38
CA SER D 218 18.70 14.33 8.67
C SER D 218 17.55 13.37 8.61
N GLN D 219 16.48 13.61 7.87
CA GLN D 219 15.31 12.73 7.86
C GLN D 219 15.58 11.42 7.16
N VAL D 220 16.57 11.41 6.29
CA VAL D 220 16.84 10.16 5.54
C VAL D 220 17.60 9.12 6.37
N PRO D 221 16.95 8.02 6.77
CA PRO D 221 17.60 6.99 7.63
C PRO D 221 19.01 6.62 7.17
N PHE D 222 19.16 6.03 5.94
CA PHE D 222 20.52 5.62 5.55
C PHE D 222 20.46 5.30 4.06
N PRO D 223 21.42 5.77 3.29
CA PRO D 223 22.39 6.77 3.67
C PRO D 223 21.78 8.14 4.02
N SER D 224 22.29 8.86 5.02
CA SER D 224 21.65 10.03 5.54
C SER D 224 22.05 11.30 4.74
N ARG D 225 21.51 11.37 3.58
CA ARG D 225 21.81 12.39 2.57
C ARG D 225 20.75 12.41 1.46
N LEU D 226 20.86 13.47 0.67
CA LEU D 226 19.91 13.52 -0.51
C LEU D 226 20.43 12.40 -1.43
N GLY D 227 19.56 11.92 -2.30
CA GLY D 227 19.94 10.89 -3.26
C GLY D 227 20.82 11.49 -4.34
N ASP D 228 21.71 10.71 -4.93
CA ASP D 228 22.57 11.18 -6.04
C ASP D 228 21.75 10.78 -7.27
N PRO D 229 21.55 11.72 -8.20
CA PRO D 229 20.85 11.35 -9.46
C PRO D 229 21.39 10.13 -10.09
N ALA D 230 22.68 9.78 -10.09
CA ALA D 230 23.26 8.56 -10.71
C ALA D 230 22.62 7.30 -10.09
N GLU D 231 22.18 7.40 -8.86
CA GLU D 231 21.52 6.25 -8.23
C GLU D 231 20.19 5.99 -8.89
N TYR D 232 19.48 7.10 -9.26
CA TYR D 232 18.23 6.92 -10.02
C TYR D 232 18.53 6.28 -11.38
N ALA D 233 19.59 6.82 -12.04
CA ALA D 233 19.94 6.22 -13.32
C ALA D 233 20.27 4.73 -13.22
N HIS D 234 20.99 4.36 -12.16
CA HIS D 234 21.29 2.89 -12.05
C HIS D 234 20.01 2.10 -11.88
N LEU D 235 19.02 2.63 -11.17
CA LEU D 235 17.75 1.82 -11.04
C LEU D 235 17.00 1.70 -12.36
N VAL D 236 17.07 2.83 -13.14
CA VAL D 236 16.45 2.75 -14.51
C VAL D 236 17.11 1.64 -15.36
N GLN D 237 18.51 1.56 -15.31
CA GLN D 237 19.15 0.48 -16.13
C GLN D 237 18.68 -0.83 -15.61
N MET D 238 18.59 -1.03 -14.27
CA MET D 238 18.12 -2.34 -13.76
C MET D 238 16.77 -2.65 -14.30
N VAL D 239 15.80 -1.74 -14.34
CA VAL D 239 14.42 -1.98 -14.80
C VAL D 239 14.45 -2.30 -16.34
N ILE D 240 15.33 -1.58 -17.04
CA ILE D 240 15.43 -1.94 -18.53
C ILE D 240 15.89 -3.39 -18.59
N GLU D 241 16.99 -3.74 -17.85
CA GLU D 241 17.45 -5.12 -18.01
C GLU D 241 16.63 -6.25 -17.47
N ASN D 242 15.76 -6.04 -16.44
CA ASN D 242 15.13 -7.21 -15.85
C ASN D 242 13.80 -7.58 -16.48
N PRO D 243 13.68 -8.71 -17.17
CA PRO D 243 12.54 -8.95 -18.00
C PRO D 243 11.23 -9.25 -17.28
N PHE D 244 11.28 -9.37 -15.94
CA PHE D 244 10.12 -9.88 -15.23
C PHE D 244 9.56 -8.75 -14.33
N LEU D 245 10.22 -7.59 -14.38
CA LEU D 245 9.61 -6.49 -13.59
C LEU D 245 8.52 -5.80 -14.43
N ASN D 246 7.35 -5.64 -13.86
CA ASN D 246 6.25 -5.04 -14.68
C ASN D 246 5.16 -4.62 -13.73
N GLY D 247 4.48 -3.54 -14.08
CA GLY D 247 3.24 -3.19 -13.29
C GLY D 247 3.49 -2.69 -11.88
N GLU D 248 4.77 -2.43 -11.51
CA GLU D 248 5.11 -2.14 -10.11
C GLU D 248 5.69 -0.76 -9.90
N VAL D 249 5.67 -0.21 -8.67
CA VAL D 249 6.24 1.07 -8.36
C VAL D 249 7.33 0.76 -7.30
N ILE D 250 8.50 1.34 -7.52
CA ILE D 250 9.67 1.01 -6.60
C ILE D 250 10.05 2.33 -5.91
N ARG D 251 10.03 2.32 -4.52
CA ARG D 251 10.55 3.55 -3.88
C ARG D 251 12.07 3.55 -3.89
N LEU D 252 12.68 4.76 -4.14
CA LEU D 252 14.15 4.83 -4.10
C LEU D 252 14.36 6.07 -3.24
N ASP D 253 14.58 5.81 -1.90
CA ASP D 253 14.50 6.91 -0.96
C ASP D 253 15.25 6.75 0.30
N GLY D 254 16.16 5.75 0.41
CA GLY D 254 17.03 5.79 1.68
C GLY D 254 16.20 5.30 2.88
N ALA D 255 14.97 4.83 2.72
CA ALA D 255 14.02 4.39 3.78
C ALA D 255 13.32 5.57 4.43
N ILE D 256 13.35 6.74 3.79
CA ILE D 256 12.60 7.85 4.39
C ILE D 256 11.08 7.62 4.33
N ARG D 257 10.34 8.14 5.35
CA ARG D 257 8.89 8.25 5.31
C ARG D 257 8.61 9.75 5.62
N MET D 258 7.79 10.40 4.71
CA MET D 258 7.71 11.83 4.90
C MET D 258 6.73 12.24 5.99
N GLN D 259 7.18 13.18 6.83
CA GLN D 259 6.33 13.80 7.86
C GLN D 259 5.68 15.09 7.16
N PRO D 260 4.64 15.53 7.97
CA PRO D 260 3.88 16.70 7.40
C PRO D 260 4.68 17.93 7.07
#